data_5LYO
#
_entry.id   5LYO
#
_cell.length_a   109.170
_cell.length_b   109.170
_cell.length_c   124.468
_cell.angle_alpha   90.00
_cell.angle_beta   90.00
_cell.angle_gamma   120.00
#
_symmetry.space_group_name_H-M   'P 31 2 1'
#
loop_
_entity.id
_entity.type
_entity.pdbx_description
1 polymer 'Suppressor of tumorigenicity 14 protein'
2 non-polymer 'SULFATE ION'
3 water water
#
_entity_poly.entity_id   1
_entity_poly.type   'polypeptide(L)'
_entity_poly.pdbx_seq_one_letter_code
;SMNSHHHHHHGTACGLRSFTRQAAVVGGTDADEGEWPWQVSLHALGQGHICGASLISPNWLVSAAHCYIDDRGFRYSDPT
QWTAFLGLHDQSQRSAPGVQERRLKRIISHPFFNDFTFDYDIALLELEKPAEYSSMVRPICLPDASHVFPAGKAIWVTGW
GHTQYGGTGALILQKGEIRVIQQTTCENLLPQQITPRMMCVGFLSGGVDSCQGDAGGPLSSVEADGRIFQAGVVSWGDGC
AQRNKPGVYTRLPLFRDWIKENTGV
;
_entity_poly.pdbx_strand_id   A,B,C
#
# COMPACT_ATOMS: atom_id res chain seq x y z
N ALA A 13 23.04 24.50 -21.46
CA ALA A 13 21.65 24.88 -21.71
C ALA A 13 20.72 24.32 -20.65
N CYS A 14 21.23 24.06 -19.45
CA CYS A 14 20.37 23.62 -18.36
C CYS A 14 19.73 24.82 -17.68
N GLY A 15 18.76 24.54 -16.88
CA GLY A 15 18.18 25.64 -16.15
C GLY A 15 18.02 27.06 -16.53
N LEU A 16 17.35 27.33 -17.64
CA LEU A 16 17.07 28.68 -18.06
C LEU A 16 15.60 28.52 -18.48
N ARG A 17 14.73 29.19 -17.78
CA ARG A 17 13.32 29.15 -18.11
C ARG A 17 12.93 29.98 -19.34
N SER A 18 11.65 30.03 -19.61
CA SER A 18 11.15 30.81 -20.73
C SER A 18 10.15 31.86 -20.24
N PHE A 19 9.69 31.69 -19.01
CA PHE A 19 8.78 32.63 -18.33
C PHE A 19 7.71 33.16 -19.30
N THR A 20 6.95 32.24 -19.88
CA THR A 20 5.95 32.64 -20.86
C THR A 20 5.00 33.71 -20.25
N ARG A 21 4.72 34.70 -21.08
CA ARG A 21 3.89 35.88 -20.75
C ARG A 21 4.33 36.44 -19.40
N GLN A 22 3.40 36.87 -18.55
CA GLN A 22 3.74 37.43 -17.25
C GLN A 22 2.83 36.75 -16.25
N ALA A 23 1.53 37.02 -16.33
CA ALA A 23 0.53 36.58 -15.36
C ALA A 23 1.21 37.10 -14.10
N ALA A 24 1.38 36.25 -13.11
CA ALA A 24 1.93 36.63 -11.80
C ALA A 24 3.35 37.21 -11.74
N VAL A 25 3.43 38.52 -11.56
CA VAL A 25 4.71 39.22 -11.49
C VAL A 25 4.85 40.03 -10.20
N VAL A 26 4.04 39.70 -9.19
CA VAL A 26 4.08 40.44 -7.93
C VAL A 26 3.94 39.46 -6.77
N GLY A 27 4.10 38.17 -7.06
CA GLY A 27 4.07 37.16 -6.02
C GLY A 27 3.11 36.01 -6.25
N GLY A 28 2.56 35.49 -5.17
CA GLY A 28 1.60 34.39 -5.22
C GLY A 28 2.28 33.04 -5.03
N THR A 29 1.42 32.04 -4.80
CA THR A 29 1.81 30.66 -4.64
C THR A 29 1.61 29.81 -5.87
N ASP A 30 0.72 30.23 -6.74
CA ASP A 30 0.47 29.48 -7.95
C ASP A 30 1.56 29.75 -8.94
N ALA A 31 2.12 28.70 -9.46
CA ALA A 31 3.16 28.79 -10.41
C ALA A 31 2.59 29.12 -11.75
N ASP A 32 3.39 29.76 -12.56
CA ASP A 32 3.00 30.13 -13.91
C ASP A 32 3.37 29.00 -14.87
N GLU A 33 2.69 28.97 -16.01
CA GLU A 33 3.04 28.01 -17.05
C GLU A 33 4.46 28.28 -17.53
N GLY A 34 5.28 27.23 -17.58
CA GLY A 34 6.65 27.37 -18.02
C GLY A 34 7.60 27.96 -17.02
N GLU A 35 7.19 28.12 -15.76
CA GLU A 35 8.05 28.74 -14.76
C GLU A 35 8.95 27.72 -14.05
N TRP A 36 8.58 26.44 -14.07
CA TRP A 36 9.42 25.37 -13.57
C TRP A 36 9.40 24.23 -14.58
N PRO A 37 10.10 24.39 -15.71
CA PRO A 37 10.01 23.39 -16.79
C PRO A 37 10.64 22.04 -16.47
N TRP A 38 11.40 21.93 -15.37
CA TRP A 38 12.00 20.67 -14.97
C TRP A 38 11.15 19.86 -14.00
N GLN A 39 10.07 20.44 -13.46
CA GLN A 39 9.23 19.72 -12.52
C GLN A 39 8.47 18.62 -13.26
N VAL A 40 8.46 17.42 -12.66
CA VAL A 40 7.82 16.25 -13.25
C VAL A 40 6.80 15.69 -12.26
N SER A 41 5.64 15.29 -12.77
CA SER A 41 4.63 14.60 -11.97
C SER A 41 4.70 13.11 -12.32
N LEU A 42 4.89 12.28 -11.30
CA LEU A 42 4.95 10.83 -11.48
C LEU A 42 3.64 10.22 -10.98
N HIS A 43 3.01 9.44 -11.84
CA HIS A 43 1.80 8.73 -11.50
C HIS A 43 2.09 7.24 -11.43
N ALA A 44 1.73 6.62 -10.32
CA ALA A 44 1.65 5.17 -10.28
C ALA A 44 0.26 4.84 -10.76
N LEU A 45 0.18 4.14 -11.90
CA LEU A 45 -1.05 4.11 -12.67
C LEU A 45 -2.19 3.50 -11.88
N GLY A 46 -3.38 4.08 -12.08
CA GLY A 46 -4.56 3.78 -11.32
C GLY A 46 -4.70 4.60 -10.05
N GLN A 47 -3.77 5.52 -9.78
CA GLN A 47 -3.80 6.35 -8.60
C GLN A 47 -3.49 7.82 -8.86
N GLY A 48 -3.10 8.21 -10.07
CA GLY A 48 -2.80 9.61 -10.31
C GLY A 48 -1.45 10.03 -9.75
N HIS A 49 -1.30 11.35 -9.56
CA HIS A 49 -0.05 11.92 -9.07
C HIS A 49 0.32 11.38 -7.70
N ILE A 50 1.55 10.87 -7.58
CA ILE A 50 2.00 10.26 -6.33
C ILE A 50 3.35 10.83 -5.90
N CYS A 51 4.22 11.14 -6.86
CA CYS A 51 5.55 11.63 -6.55
C CYS A 51 5.95 12.70 -7.55
N GLY A 52 7.04 13.40 -7.23
CA GLY A 52 7.64 14.36 -8.13
C GLY A 52 9.06 13.95 -8.51
N ALA A 53 9.60 14.63 -9.52
CA ALA A 53 10.96 14.39 -9.96
C ALA A 53 11.41 15.59 -10.79
N SER A 54 12.67 15.55 -11.23
CA SER A 54 13.23 16.66 -11.99
C SER A 54 13.99 16.15 -13.21
N LEU A 55 13.85 16.88 -14.31
CA LEU A 55 14.50 16.52 -15.56
C LEU A 55 15.92 17.08 -15.60
N ILE A 56 16.89 16.21 -15.87
CA ILE A 56 18.30 16.61 -15.96
C ILE A 56 18.90 16.34 -17.33
N SER A 57 18.20 15.64 -18.22
CA SER A 57 18.66 15.32 -19.56
C SER A 57 17.46 14.80 -20.35
N PRO A 58 17.57 14.62 -21.67
CA PRO A 58 16.41 14.11 -22.41
C PRO A 58 15.92 12.76 -21.91
N ASN A 59 16.76 12.02 -21.17
CA ASN A 59 16.46 10.64 -20.80
C ASN A 59 16.35 10.38 -19.30
N TRP A 60 16.84 11.27 -18.43
CA TRP A 60 17.03 10.91 -17.03
C TRP A 60 16.32 11.91 -16.11
N LEU A 61 15.72 11.39 -15.04
CA LEU A 61 15.12 12.20 -13.99
C LEU A 61 15.77 11.89 -12.65
N VAL A 62 15.69 12.86 -11.75
CA VAL A 62 16.09 12.69 -10.35
C VAL A 62 14.83 12.70 -9.50
N SER A 63 14.68 11.69 -8.64
CA SER A 63 13.55 11.58 -7.74
C SER A 63 14.07 11.05 -6.40
N ALA A 64 13.16 10.64 -5.52
CA ALA A 64 13.51 10.09 -4.22
C ALA A 64 13.33 8.58 -4.21
N ALA A 65 14.29 7.87 -3.60
CA ALA A 65 14.29 6.42 -3.63
C ALA A 65 13.08 5.83 -2.91
N HIS A 66 12.63 6.48 -1.82
CA HIS A 66 11.53 5.93 -1.04
C HIS A 66 10.21 5.95 -1.79
N CYS A 67 10.09 6.73 -2.87
CA CYS A 67 8.91 6.65 -3.73
C CYS A 67 8.71 5.27 -4.34
N TYR A 68 9.78 4.48 -4.43
CA TYR A 68 9.72 3.26 -5.22
C TYR A 68 9.86 1.96 -4.43
N ILE A 69 9.42 2.00 -3.17
CA ILE A 69 9.36 0.84 -2.30
C ILE A 69 7.97 0.23 -2.31
N ASP A 70 7.89 -1.09 -2.46
CA ASP A 70 6.59 -1.75 -2.61
C ASP A 70 5.77 -1.64 -1.33
N ASP A 71 4.56 -1.13 -1.46
CA ASP A 71 3.66 -1.03 -0.34
C ASP A 71 2.34 -1.60 -0.79
N ARG A 72 1.67 -2.29 0.12
CA ARG A 72 0.43 -2.99 -0.11
C ARG A 72 0.74 -4.06 -1.15
N GLY A 73 -0.09 -4.21 -2.16
CA GLY A 73 0.15 -5.21 -3.17
C GLY A 73 0.56 -4.55 -4.45
N PHE A 74 0.73 -3.27 -4.37
CA PHE A 74 1.15 -2.49 -5.53
C PHE A 74 2.66 -2.36 -5.46
N ARG A 75 3.31 -2.72 -6.56
CA ARG A 75 4.78 -2.74 -6.63
C ARG A 75 5.28 -1.39 -7.11
N TYR A 76 5.52 -0.48 -6.16
CA TYR A 76 6.04 0.83 -6.55
C TYR A 76 7.47 0.75 -7.06
N SER A 77 8.21 -0.30 -6.73
CA SER A 77 9.55 -0.52 -7.26
C SER A 77 9.54 -0.98 -8.71
N ASP A 78 8.38 -1.37 -9.23
CA ASP A 78 8.27 -1.89 -10.59
C ASP A 78 8.15 -0.70 -11.54
N PRO A 79 9.16 -0.42 -12.38
CA PRO A 79 9.08 0.76 -13.27
C PRO A 79 7.95 0.72 -14.27
N THR A 80 7.49 -0.47 -14.66
CA THR A 80 6.44 -0.57 -15.66
C THR A 80 5.11 -0.01 -15.16
N GLN A 81 5.01 0.32 -13.88
CA GLN A 81 3.78 0.84 -13.30
C GLN A 81 3.79 2.35 -13.15
N TRP A 82 4.69 3.04 -13.84
CA TRP A 82 4.87 4.47 -13.65
C TRP A 82 4.75 5.19 -14.98
N THR A 83 4.20 6.40 -14.93
CA THR A 83 4.11 7.31 -16.05
C THR A 83 4.56 8.69 -15.59
N ALA A 84 5.46 9.29 -16.35
CA ALA A 84 5.98 10.61 -16.02
C ALA A 84 5.26 11.65 -16.87
N PHE A 85 4.80 12.71 -16.22
CA PHE A 85 4.20 13.85 -16.92
C PHE A 85 5.15 15.02 -16.80
N LEU A 86 5.60 15.53 -17.94
CA LEU A 86 6.53 16.64 -18.01
C LEU A 86 5.82 17.84 -18.62
N GLY A 87 6.26 19.03 -18.21
CA GLY A 87 5.58 20.23 -18.69
C GLY A 87 4.15 20.34 -18.24
N LEU A 88 3.78 19.63 -17.17
CA LEU A 88 2.40 19.60 -16.71
C LEU A 88 2.18 20.75 -15.75
N HIS A 89 1.04 21.42 -15.89
CA HIS A 89 0.74 22.60 -15.09
C HIS A 89 -0.44 22.38 -14.15
N ASP A 90 -1.54 21.83 -14.69
CA ASP A 90 -2.77 21.59 -13.96
C ASP A 90 -3.06 20.11 -14.02
N GLN A 91 -3.19 19.48 -12.85
CA GLN A 91 -3.37 18.03 -12.84
C GLN A 91 -4.71 17.59 -13.40
N SER A 92 -5.65 18.52 -13.58
CA SER A 92 -6.88 18.24 -14.31
C SER A 92 -6.75 18.60 -15.78
N GLN A 93 -5.54 18.93 -16.21
CA GLN A 93 -5.29 19.27 -17.60
C GLN A 93 -4.06 18.42 -17.85
N ARG A 94 -4.28 17.17 -18.17
CA ARG A 94 -3.22 16.22 -18.46
C ARG A 94 -3.13 16.28 -19.97
N SER A 95 -4.21 16.73 -20.56
CA SER A 95 -4.34 16.93 -21.96
C SER A 95 -4.11 17.97 -23.04
N ALA A 96 -3.65 19.09 -22.88
CA ALA A 96 -3.15 20.44 -22.83
C ALA A 96 -2.02 20.33 -23.83
N PRO A 97 -1.71 21.50 -24.49
CA PRO A 97 -0.64 21.39 -25.49
C PRO A 97 0.81 21.05 -25.17
N GLY A 98 1.42 21.63 -24.15
CA GLY A 98 2.81 21.35 -23.81
C GLY A 98 3.08 20.06 -23.06
N VAL A 99 2.05 19.36 -22.60
CA VAL A 99 2.25 18.18 -21.76
C VAL A 99 2.93 17.07 -22.56
N GLN A 100 3.93 16.43 -21.95
CA GLN A 100 4.52 15.22 -22.51
C GLN A 100 4.41 14.07 -21.51
N GLU A 101 4.09 12.90 -22.05
CA GLU A 101 3.84 11.69 -21.27
C GLU A 101 4.90 10.66 -21.66
N ARG A 102 5.61 10.12 -20.67
CA ARG A 102 6.64 9.12 -20.92
C ARG A 102 6.53 7.98 -19.93
N ARG A 103 6.75 6.77 -20.42
CA ARG A 103 6.87 5.61 -19.55
C ARG A 103 8.28 5.47 -19.00
N LEU A 104 8.39 4.81 -17.87
CA LEU A 104 9.69 4.60 -17.23
C LEU A 104 10.28 3.28 -17.70
N LYS A 105 11.59 3.29 -17.95
CA LYS A 105 12.31 2.10 -18.38
C LYS A 105 13.14 1.47 -17.27
N ARG A 106 13.65 2.29 -16.34
CA ARG A 106 14.53 1.77 -15.29
C ARG A 106 14.50 2.72 -14.10
N ILE A 107 14.59 2.13 -12.92
CA ILE A 107 14.72 2.87 -11.66
C ILE A 107 16.06 2.48 -11.03
N ILE A 108 16.89 3.46 -10.72
CA ILE A 108 18.16 3.23 -10.05
C ILE A 108 18.07 3.93 -8.70
N SER A 109 17.69 3.21 -7.66
CA SER A 109 17.75 3.74 -6.31
C SER A 109 19.19 3.72 -5.83
N HIS A 110 19.52 4.62 -4.90
CA HIS A 110 20.89 4.70 -4.42
C HIS A 110 21.24 3.46 -3.60
N PRO A 111 22.38 2.81 -3.86
CA PRO A 111 22.71 1.57 -3.14
C PRO A 111 22.73 1.70 -1.62
N PHE A 112 22.97 2.89 -1.08
CA PHE A 112 23.10 3.05 0.36
C PHE A 112 21.82 3.55 1.00
N PHE A 113 20.72 3.58 0.25
CA PHE A 113 19.48 4.13 0.74
C PHE A 113 18.91 3.24 1.84
N ASN A 114 18.52 3.86 2.95
CA ASN A 114 18.04 3.15 4.13
C ASN A 114 16.55 3.46 4.26
N ASP A 115 15.72 2.42 4.20
CA ASP A 115 14.28 2.61 4.16
C ASP A 115 13.73 3.11 5.50
N PHE A 116 14.50 2.99 6.57
CA PHE A 116 14.00 3.41 7.88
C PHE A 116 14.32 4.88 8.15
N THR A 117 15.57 5.29 7.98
CA THR A 117 15.95 6.68 8.22
C THR A 117 15.84 7.58 7.00
N PHE A 118 15.54 7.01 5.82
CA PHE A 118 15.44 7.77 4.58
C PHE A 118 16.74 8.53 4.28
N ASP A 119 17.86 7.94 4.67
CA ASP A 119 19.16 8.46 4.36
C ASP A 119 19.54 7.99 2.96
N TYR A 120 20.29 8.81 2.23
CA TYR A 120 20.61 8.55 0.83
C TYR A 120 19.34 8.35 0.00
N ASP A 121 18.36 9.22 0.20
CA ASP A 121 17.03 9.05 -0.39
C ASP A 121 16.97 9.76 -1.75
N ILE A 122 17.59 9.11 -2.73
CA ILE A 122 17.68 9.65 -4.09
C ILE A 122 17.60 8.48 -5.07
N ALA A 123 17.03 8.76 -6.22
CA ALA A 123 16.88 7.78 -7.27
C ALA A 123 16.95 8.38 -8.64
N LEU A 124 17.36 7.57 -9.59
CA LEU A 124 17.49 7.95 -10.97
C LEU A 124 16.49 7.17 -11.78
N LEU A 125 15.75 7.85 -12.61
CA LEU A 125 14.74 7.24 -13.46
C LEU A 125 15.06 7.45 -14.93
N GLU A 126 15.03 6.38 -15.70
CA GLU A 126 15.27 6.44 -17.13
C GLU A 126 13.98 6.44 -17.91
N LEU A 127 13.80 7.40 -18.79
CA LEU A 127 12.61 7.46 -19.61
C LEU A 127 12.66 6.40 -20.67
N GLU A 128 11.52 5.87 -21.06
CA GLU A 128 11.52 4.86 -22.11
C GLU A 128 11.82 5.46 -23.47
N LYS A 129 11.33 6.67 -23.72
CA LYS A 129 11.63 7.45 -24.90
C LYS A 129 12.09 8.83 -24.46
N PRO A 130 12.93 9.49 -25.24
CA PRO A 130 13.46 10.80 -24.83
C PRO A 130 12.35 11.83 -24.70
N ALA A 131 12.54 12.75 -23.75
CA ALA A 131 11.68 13.93 -23.70
C ALA A 131 12.13 14.92 -24.77
N GLU A 132 11.19 15.75 -25.22
CA GLU A 132 11.47 16.78 -26.19
C GLU A 132 11.48 18.12 -25.48
N TYR A 133 12.61 18.80 -25.51
CA TYR A 133 12.72 20.13 -24.91
C TYR A 133 11.78 21.10 -25.61
N SER A 134 11.18 21.98 -24.82
CA SER A 134 10.24 22.97 -25.34
C SER A 134 10.25 24.18 -24.40
N SER A 135 9.35 25.13 -24.67
CA SER A 135 9.08 26.18 -23.70
C SER A 135 8.70 25.60 -22.35
N MET A 136 8.01 24.46 -22.35
CA MET A 136 7.42 23.89 -21.14
C MET A 136 8.25 22.78 -20.51
N VAL A 137 9.24 22.23 -21.21
CA VAL A 137 10.05 21.11 -20.72
C VAL A 137 11.51 21.45 -20.91
N ARG A 138 12.24 21.65 -19.81
CA ARG A 138 13.64 22.04 -19.84
C ARG A 138 14.36 21.43 -18.64
N PRO A 139 15.66 21.13 -18.78
CA PRO A 139 16.40 20.53 -17.66
C PRO A 139 16.96 21.57 -16.70
N ILE A 140 17.24 21.11 -15.48
CA ILE A 140 17.81 21.95 -14.45
C ILE A 140 19.30 21.64 -14.34
N CYS A 141 20.05 22.57 -13.75
CA CYS A 141 21.49 22.40 -13.60
C CYS A 141 21.80 21.61 -12.33
N LEU A 142 22.72 20.66 -12.45
CA LEU A 142 23.19 19.86 -11.31
C LEU A 142 24.43 20.50 -10.70
N PRO A 143 24.47 20.70 -9.39
CA PRO A 143 25.64 21.33 -8.78
C PRO A 143 26.81 20.37 -8.64
N ASP A 144 28.00 20.92 -8.75
CA ASP A 144 29.22 20.19 -8.46
C ASP A 144 29.26 19.84 -6.97
N ALA A 145 30.03 18.80 -6.63
CA ALA A 145 30.07 18.32 -5.26
C ALA A 145 30.61 19.35 -4.28
N SER A 146 31.35 20.35 -4.78
CA SER A 146 31.86 21.43 -3.95
C SER A 146 30.99 22.68 -4.01
N HIS A 147 29.88 22.64 -4.74
CA HIS A 147 28.98 23.78 -4.80
C HIS A 147 28.31 23.96 -3.44
N VAL A 148 28.36 25.18 -2.91
CA VAL A 148 27.92 25.48 -1.55
C VAL A 148 26.63 26.26 -1.60
N PHE A 149 25.62 25.81 -0.84
CA PHE A 149 24.42 26.59 -0.59
C PHE A 149 24.43 27.06 0.86
N PRO A 150 24.85 28.28 1.14
CA PRO A 150 25.14 28.67 2.52
C PRO A 150 23.89 28.91 3.34
N ALA A 151 24.07 28.96 4.65
CA ALA A 151 22.97 29.25 5.56
C ALA A 151 22.36 30.60 5.22
N GLY A 152 21.04 30.66 5.14
CA GLY A 152 20.34 31.85 4.76
C GLY A 152 20.01 31.94 3.28
N LYS A 153 20.52 31.04 2.46
CA LYS A 153 20.25 31.10 1.03
C LYS A 153 18.84 30.61 0.77
N ALA A 154 18.11 31.36 -0.06
CA ALA A 154 16.71 31.05 -0.36
C ALA A 154 16.64 30.01 -1.48
N ILE A 155 15.72 29.06 -1.33
CA ILE A 155 15.55 27.96 -2.28
C ILE A 155 14.07 27.73 -2.50
N TRP A 156 13.68 27.45 -3.74
CA TRP A 156 12.28 27.29 -4.10
C TRP A 156 11.84 25.84 -3.98
N VAL A 157 10.66 25.65 -3.39
CA VAL A 157 10.00 24.35 -3.27
C VAL A 157 8.73 24.38 -4.12
N THR A 158 8.54 23.36 -4.95
CA THR A 158 7.43 23.33 -5.91
C THR A 158 6.85 21.92 -5.96
N GLY A 159 5.54 21.84 -6.20
CA GLY A 159 4.87 20.56 -6.31
C GLY A 159 3.36 20.69 -6.15
N TRP A 160 2.72 19.54 -5.96
CA TRP A 160 1.29 19.40 -5.76
C TRP A 160 0.98 18.73 -4.43
N GLY A 161 1.79 18.98 -3.41
CA GLY A 161 1.71 18.23 -2.17
C GLY A 161 0.40 18.44 -1.43
N HIS A 162 0.10 17.48 -0.56
CA HIS A 162 -1.02 17.54 0.36
C HIS A 162 -0.71 18.48 1.54
N THR A 163 -1.75 18.83 2.29
CA THR A 163 -1.53 19.47 3.57
C THR A 163 -0.85 18.46 4.52
N GLN A 164 -0.25 18.96 5.60
CA GLN A 164 0.35 18.02 6.55
C GLN A 164 -0.68 17.09 7.19
N TYR A 165 -1.95 17.42 7.09
CA TYR A 165 -3.04 16.57 7.58
C TYR A 165 -3.75 15.84 6.43
N GLY A 166 -3.19 15.95 5.24
CA GLY A 166 -3.62 15.39 3.96
C GLY A 166 -4.98 15.03 3.45
N GLY A 167 -5.88 15.94 3.17
CA GLY A 167 -5.59 17.26 2.70
C GLY A 167 -5.23 17.25 1.25
N THR A 168 -6.19 17.29 0.34
CA THR A 168 -5.84 17.33 -1.06
C THR A 168 -4.96 18.46 -1.52
N GLY A 169 -4.02 18.10 -2.36
CA GLY A 169 -3.11 19.02 -2.97
C GLY A 169 -3.85 19.79 -4.01
N ALA A 170 -3.30 20.90 -4.39
CA ALA A 170 -3.87 21.77 -5.38
C ALA A 170 -3.69 21.29 -6.81
N LEU A 171 -4.63 21.64 -7.65
CA LEU A 171 -4.56 21.21 -9.05
C LEU A 171 -3.48 21.99 -9.79
N ILE A 172 -3.35 23.28 -9.48
CA ILE A 172 -2.33 24.13 -10.09
C ILE A 172 -1.06 24.00 -9.27
N LEU A 173 0.08 23.85 -9.96
CA LEU A 173 1.35 23.66 -9.29
C LEU A 173 1.66 24.85 -8.38
N GLN A 174 2.18 24.56 -7.20
CA GLN A 174 2.42 25.60 -6.20
C GLN A 174 3.91 25.76 -5.95
N LYS A 175 4.30 26.99 -5.63
CA LYS A 175 5.68 27.34 -5.37
C LYS A 175 5.77 28.00 -4.01
N GLY A 176 6.95 27.90 -3.40
CA GLY A 176 7.20 28.54 -2.13
C GLY A 176 8.69 28.51 -1.87
N GLU A 177 9.11 29.26 -0.86
CA GLU A 177 10.52 29.41 -0.56
C GLU A 177 10.85 28.86 0.82
N ILE A 178 12.09 28.45 0.97
CA ILE A 178 12.69 28.01 2.21
C ILE A 178 14.07 28.69 2.26
N ARG A 179 14.76 28.59 3.37
CA ARG A 179 16.09 29.14 3.51
C ARG A 179 16.91 28.09 4.19
N VAL A 180 18.19 28.04 3.89
CA VAL A 180 19.07 27.10 4.51
C VAL A 180 19.41 27.61 5.88
N ILE A 181 19.40 26.73 6.83
CA ILE A 181 19.75 27.09 8.20
C ILE A 181 20.84 26.11 8.66
N GLN A 182 21.32 26.32 9.88
CA GLN A 182 22.44 25.53 10.39
C GLN A 182 22.01 24.10 10.71
N GLN A 183 22.88 23.15 10.33
CA GLN A 183 22.62 21.74 10.54
C GLN A 183 22.38 21.42 12.01
N THR A 184 23.07 22.13 12.91
CA THR A 184 22.89 21.89 14.34
C THR A 184 21.47 22.17 14.80
N THR A 185 20.77 23.09 14.13
CA THR A 185 19.40 23.42 14.52
C THR A 185 18.48 22.20 14.38
N CYS A 186 18.54 21.50 13.25
CA CYS A 186 17.72 20.31 13.09
C CYS A 186 18.15 19.19 14.02
N GLU A 187 19.45 19.11 14.32
CA GLU A 187 19.93 18.08 15.24
C GLU A 187 19.33 18.24 16.62
N ASN A 188 19.32 19.47 17.15
CA ASN A 188 18.88 19.70 18.52
C ASN A 188 17.37 19.85 18.64
N LEU A 189 16.65 20.01 17.52
CA LEU A 189 15.22 20.21 17.56
C LEU A 189 14.42 19.02 17.03
N LEU A 190 15.03 18.14 16.26
CA LEU A 190 14.20 17.03 15.81
C LEU A 190 14.64 15.72 16.43
N PRO A 191 13.70 14.81 16.72
CA PRO A 191 14.09 13.52 17.31
C PRO A 191 14.73 12.59 16.30
N GLN A 192 14.31 12.67 15.04
CA GLN A 192 14.85 11.80 14.00
C GLN A 192 16.34 12.09 13.78
N GLN A 193 17.01 11.11 13.18
CA GLN A 193 18.42 11.26 12.86
C GLN A 193 18.62 12.22 11.69
N ILE A 194 19.60 13.10 11.83
CA ILE A 194 19.95 14.06 10.79
C ILE A 194 21.35 13.70 10.33
N THR A 195 21.47 13.31 9.07
CA THR A 195 22.72 12.79 8.52
C THR A 195 23.35 13.81 7.59
N PRO A 196 24.60 13.65 7.23
CA PRO A 196 25.30 14.63 6.39
C PRO A 196 24.74 14.80 5.01
N ARG A 197 23.90 13.87 4.63
CA ARG A 197 23.26 13.91 3.34
C ARG A 197 21.99 14.72 3.36
N MET A 198 21.62 15.22 4.51
CA MET A 198 20.44 16.00 4.64
C MET A 198 20.74 17.46 4.98
N MET A 199 19.97 18.37 4.44
CA MET A 199 20.13 19.80 4.72
C MET A 199 19.00 20.29 5.61
N CYS A 200 19.34 21.21 6.51
CA CYS A 200 18.39 21.78 7.46
C CYS A 200 17.86 23.09 6.88
N VAL A 201 16.54 23.28 6.92
CA VAL A 201 15.94 24.46 6.31
C VAL A 201 14.86 25.04 7.21
N GLY A 202 14.54 26.31 6.95
CA GLY A 202 13.43 26.97 7.61
C GLY A 202 12.51 27.61 6.58
N PHE A 203 11.28 27.85 7.00
CA PHE A 203 10.30 28.46 6.11
C PHE A 203 10.71 29.89 5.76
N LEU A 204 10.45 30.28 4.51
CA LEU A 204 10.69 31.65 4.07
C LEU A 204 9.41 32.30 3.59
N SER A 205 8.80 31.82 2.50
CA SER A 205 7.58 32.42 1.98
C SER A 205 6.65 31.33 1.44
N GLY A 206 5.38 31.71 1.26
CA GLY A 206 4.32 30.78 0.87
C GLY A 206 2.93 31.38 1.08
N GLY A 207 2.00 30.66 1.72
CA GLY A 207 2.25 29.37 2.32
C GLY A 207 2.26 29.42 3.85
N VAL A 208 1.71 28.38 4.47
CA VAL A 208 1.82 28.21 5.92
C VAL A 208 2.79 27.10 6.28
N ASP A 209 3.28 26.36 5.29
CA ASP A 209 4.33 25.37 5.42
C ASP A 209 4.91 25.14 4.04
N SER A 210 5.99 24.37 3.98
CA SER A 210 6.64 24.03 2.71
C SER A 210 6.19 22.68 2.18
N CYS A 211 4.99 22.25 2.53
CA CYS A 211 4.51 20.92 2.17
C CYS A 211 4.00 20.83 0.73
N GLN A 212 4.24 21.85 -0.11
CA GLN A 212 3.80 21.75 -1.51
C GLN A 212 4.62 20.73 -2.30
N GLY A 213 5.87 20.49 -1.92
CA GLY A 213 6.60 19.34 -2.47
C GLY A 213 5.98 18.18 -1.71
N ASP A 214 5.66 16.99 -2.25
CA ASP A 214 6.09 16.30 -3.48
C ASP A 214 7.15 15.62 -2.63
N ALA A 215 7.47 14.40 -3.02
CA ALA A 215 8.55 13.62 -2.45
C ALA A 215 9.25 13.35 -3.78
N GLY A 216 10.56 13.50 -3.77
CA GLY A 216 11.34 13.37 -4.98
C GLY A 216 11.38 14.61 -5.83
N GLY A 217 10.62 15.64 -5.49
CA GLY A 217 10.63 16.89 -6.22
C GLY A 217 11.89 17.69 -5.99
N PRO A 218 12.16 18.64 -6.86
CA PRO A 218 13.41 19.40 -6.81
C PRO A 218 13.35 20.63 -5.92
N LEU A 219 14.49 20.93 -5.32
CA LEU A 219 14.75 22.23 -4.68
C LEU A 219 15.49 23.11 -5.68
N SER A 220 14.85 24.19 -6.10
CA SER A 220 15.42 25.08 -7.11
C SER A 220 16.03 26.29 -6.42
N SER A 221 17.26 26.62 -6.81
CA SER A 221 18.00 27.72 -6.21
C SER A 221 18.58 28.56 -7.34
N VAL A 222 18.20 29.84 -7.38
CA VAL A 222 18.75 30.76 -8.36
C VAL A 222 20.16 31.14 -7.92
N GLU A 223 21.12 30.90 -8.79
CA GLU A 223 22.51 31.17 -8.45
C GLU A 223 22.90 32.54 -8.99
N ALA A 224 24.14 32.95 -8.72
CA ALA A 224 24.56 34.30 -9.08
C ALA A 224 24.55 34.49 -10.58
N ASP A 225 25.03 33.51 -11.33
CA ASP A 225 24.92 33.50 -12.79
C ASP A 225 23.50 33.84 -13.23
N GLY A 226 22.51 33.21 -12.60
CA GLY A 226 21.13 33.33 -13.00
C GLY A 226 20.50 32.05 -13.52
N ARG A 227 21.31 31.06 -13.93
CA ARG A 227 20.78 29.74 -14.23
C ARG A 227 20.32 29.16 -12.89
N ILE A 228 19.27 28.35 -12.91
CA ILE A 228 18.77 27.70 -11.68
C ILE A 228 19.39 26.31 -11.52
N PHE A 229 20.02 26.07 -10.37
CA PHE A 229 20.57 24.78 -10.00
C PHE A 229 19.66 24.06 -9.02
N GLN A 230 19.73 22.72 -9.03
CA GLN A 230 18.95 21.91 -8.10
C GLN A 230 19.79 21.68 -6.84
N ALA A 231 19.39 22.32 -5.73
CA ALA A 231 20.11 22.19 -4.49
C ALA A 231 19.79 20.89 -3.74
N GLY A 232 18.62 20.31 -3.95
CA GLY A 232 18.29 19.11 -3.22
C GLY A 232 17.04 18.42 -3.74
N VAL A 233 16.61 17.43 -2.98
CA VAL A 233 15.45 16.58 -3.29
C VAL A 233 14.56 16.50 -2.05
N VAL A 234 13.25 16.56 -2.26
CA VAL A 234 12.30 16.43 -1.16
C VAL A 234 12.29 14.99 -0.66
N SER A 235 12.43 14.83 0.65
CA SER A 235 12.37 13.51 1.27
C SER A 235 10.95 13.24 1.77
N TRP A 236 10.75 13.19 3.08
CA TRP A 236 9.42 12.99 3.62
C TRP A 236 8.49 14.10 3.13
N GLY A 237 7.27 13.71 2.72
CA GLY A 237 6.30 14.70 2.29
C GLY A 237 5.93 15.68 3.39
N ASP A 238 6.03 15.26 4.65
CA ASP A 238 5.73 16.14 5.79
C ASP A 238 6.98 16.35 6.62
N GLY A 239 8.14 16.33 5.96
CA GLY A 239 9.32 16.82 6.62
C GLY A 239 9.42 18.29 6.27
N CYS A 240 8.27 18.94 6.10
CA CYS A 240 8.22 20.29 5.57
C CYS A 240 8.40 21.29 6.71
N ALA A 241 8.87 22.48 6.35
CA ALA A 241 9.18 23.52 7.31
C ALA A 241 7.93 24.30 7.69
N GLN A 242 7.95 24.86 8.90
CA GLN A 242 6.81 25.61 9.41
C GLN A 242 7.30 26.59 10.45
N ARG A 243 6.35 27.28 11.09
CA ARG A 243 6.71 28.36 11.99
C ARG A 243 7.54 27.88 13.17
N ASN A 244 7.15 26.76 13.80
CA ASN A 244 7.84 26.32 15.01
C ASN A 244 8.91 25.24 14.80
N LYS A 245 8.89 24.49 13.71
CA LYS A 245 10.00 23.54 13.57
C LYS A 245 10.63 23.63 12.19
N PRO A 246 11.92 23.31 12.09
CA PRO A 246 12.58 23.28 10.77
C PRO A 246 12.20 22.05 9.97
N GLY A 247 12.63 22.05 8.71
CA GLY A 247 12.43 20.92 7.84
C GLY A 247 13.73 20.32 7.35
N VAL A 248 13.69 19.06 6.91
CA VAL A 248 14.88 18.36 6.43
C VAL A 248 14.67 17.98 4.97
N TYR A 249 15.70 18.19 4.15
CA TYR A 249 15.66 17.77 2.75
C TYR A 249 16.99 17.11 2.40
N THR A 250 16.98 16.37 1.30
CA THR A 250 18.15 15.62 0.86
C THR A 250 19.05 16.50 0.02
N ARG A 251 20.34 16.50 0.32
CA ARG A 251 21.27 17.25 -0.50
C ARG A 251 21.50 16.55 -1.83
N LEU A 252 21.98 17.33 -2.78
CA LEU A 252 22.25 16.78 -4.10
C LEU A 252 23.73 16.84 -4.48
N PRO A 253 24.50 17.90 -4.10
CA PRO A 253 25.88 17.98 -4.61
C PRO A 253 26.76 16.77 -4.35
N LEU A 254 26.65 16.12 -3.19
CA LEU A 254 27.51 14.96 -2.92
C LEU A 254 27.16 13.76 -3.79
N PHE A 255 26.12 13.83 -4.60
CA PHE A 255 25.73 12.74 -5.49
C PHE A 255 26.11 12.99 -6.95
N ARG A 256 26.78 14.10 -7.25
CA ARG A 256 26.99 14.50 -8.64
C ARG A 256 27.74 13.44 -9.43
N ASP A 257 28.90 13.01 -8.93
CA ASP A 257 29.67 11.99 -9.64
C ASP A 257 28.86 10.72 -9.79
N TRP A 258 28.13 10.32 -8.76
CA TRP A 258 27.33 9.10 -8.83
C TRP A 258 26.23 9.22 -9.88
N ILE A 259 25.60 10.38 -9.99
CA ILE A 259 24.59 10.58 -11.03
C ILE A 259 25.22 10.49 -12.41
N LYS A 260 26.31 11.22 -12.63
CA LYS A 260 26.95 11.23 -13.93
C LYS A 260 27.48 9.84 -14.30
N GLU A 261 28.13 9.14 -13.37
CA GLU A 261 28.63 7.80 -13.70
C GLU A 261 27.50 6.89 -14.15
N ASN A 262 26.30 7.06 -13.61
CA ASN A 262 25.19 6.18 -13.90
C ASN A 262 24.36 6.63 -15.10
N THR A 263 24.46 7.90 -15.48
CA THR A 263 23.63 8.46 -16.55
C THR A 263 24.40 9.12 -17.67
N GLY A 264 25.68 9.45 -17.49
CA GLY A 264 26.39 10.30 -18.42
C GLY A 264 26.20 11.78 -18.18
N VAL A 265 25.17 12.17 -17.44
CA VAL A 265 24.96 13.56 -17.05
C VAL A 265 25.89 13.93 -15.91
N GLY B 11 -9.44 -30.21 -7.43
CA GLY B 11 -8.99 -31.37 -8.16
C GLY B 11 -10.03 -32.48 -8.20
N THR B 12 -10.84 -32.48 -9.25
CA THR B 12 -10.72 -31.47 -10.30
C THR B 12 -11.61 -30.27 -10.01
N ALA B 13 -11.15 -29.10 -10.43
CA ALA B 13 -11.90 -27.87 -10.22
C ALA B 13 -12.51 -27.39 -11.53
N CYS B 14 -13.81 -27.59 -11.70
CA CYS B 14 -14.45 -27.37 -13.01
C CYS B 14 -15.90 -27.33 -12.75
N GLY B 15 -16.65 -27.64 -13.77
CA GLY B 15 -18.07 -27.72 -13.66
C GLY B 15 -18.97 -26.54 -13.51
N LEU B 16 -18.92 -25.89 -12.38
CA LEU B 16 -19.69 -26.31 -11.24
C LEU B 16 -20.54 -25.26 -10.55
N ARG B 17 -19.96 -24.58 -9.58
CA ARG B 17 -20.65 -23.58 -8.76
C ARG B 17 -20.96 -23.99 -7.34
N SER B 18 -21.01 -23.02 -6.46
CA SER B 18 -21.22 -23.27 -5.07
C SER B 18 -22.64 -23.45 -4.68
N PHE B 19 -22.87 -23.60 -3.39
CA PHE B 19 -24.23 -23.79 -2.89
C PHE B 19 -24.72 -22.38 -2.59
N THR B 20 -25.03 -21.63 -3.65
CA THR B 20 -25.43 -20.23 -3.52
C THR B 20 -26.91 -19.86 -3.65
N ARG B 21 -27.56 -20.36 -4.67
CA ARG B 21 -28.96 -20.00 -4.92
C ARG B 21 -29.22 -18.46 -5.14
N GLN B 22 -30.22 -17.82 -4.54
CA GLN B 22 -30.43 -16.39 -4.84
C GLN B 22 -30.99 -15.38 -3.82
N ALA B 23 -30.62 -14.10 -3.90
CA ALA B 23 -31.21 -13.15 -2.98
C ALA B 23 -31.14 -11.74 -3.55
N GLY B 27 -37.67 -11.59 -17.05
CA GLY B 27 -36.78 -12.28 -16.15
C GLY B 27 -35.88 -11.33 -15.38
N GLY B 28 -34.73 -11.84 -14.96
CA GLY B 28 -33.73 -11.00 -14.32
C GLY B 28 -32.40 -11.09 -15.01
N THR B 29 -31.74 -9.94 -15.23
CA THR B 29 -30.42 -9.93 -15.83
C THR B 29 -29.30 -9.85 -14.81
N ASP B 30 -29.59 -9.40 -13.60
CA ASP B 30 -28.56 -9.23 -12.58
C ASP B 30 -28.15 -10.60 -12.04
N ALA B 31 -26.86 -10.88 -12.10
CA ALA B 31 -26.34 -12.13 -11.57
C ALA B 31 -26.18 -12.02 -10.06
N ASP B 32 -26.28 -13.16 -9.38
CA ASP B 32 -26.02 -13.20 -7.95
C ASP B 32 -24.55 -13.50 -7.69
N GLU B 33 -24.11 -13.20 -6.48
CA GLU B 33 -22.74 -13.48 -6.07
C GLU B 33 -22.45 -14.98 -6.17
N GLY B 34 -21.33 -15.31 -6.82
CA GLY B 34 -20.93 -16.70 -6.98
C GLY B 34 -21.66 -17.49 -8.04
N GLU B 35 -22.45 -16.82 -8.89
CA GLU B 35 -23.24 -17.53 -9.89
C GLU B 35 -22.45 -17.76 -11.18
N TRP B 36 -21.39 -17.00 -11.40
CA TRP B 36 -20.45 -17.25 -12.51
C TRP B 36 -19.04 -17.11 -11.96
N PRO B 37 -18.58 -18.09 -11.17
CA PRO B 37 -17.29 -17.94 -10.48
C PRO B 37 -16.08 -17.96 -11.41
N TRP B 38 -16.26 -18.30 -12.68
CA TRP B 38 -15.16 -18.28 -13.63
C TRP B 38 -15.04 -16.97 -14.38
N GLN B 39 -16.02 -16.07 -14.23
CA GLN B 39 -15.97 -14.78 -14.91
C GLN B 39 -14.88 -13.90 -14.31
N VAL B 40 -14.10 -13.27 -15.18
CA VAL B 40 -12.98 -12.43 -14.76
C VAL B 40 -13.14 -11.05 -15.38
N SER B 41 -12.85 -10.01 -14.58
CA SER B 41 -12.82 -8.63 -15.04
C SER B 41 -11.37 -8.18 -15.17
N LEU B 42 -11.00 -7.69 -16.35
CA LEU B 42 -9.63 -7.24 -16.63
C LEU B 42 -9.59 -5.72 -16.65
N HIS B 43 -8.69 -5.15 -15.86
CA HIS B 43 -8.47 -3.71 -15.82
C HIS B 43 -7.12 -3.37 -16.43
N ALA B 44 -7.13 -2.46 -17.39
CA ALA B 44 -5.93 -1.81 -17.91
C ALA B 44 -5.66 -0.54 -17.11
N LEU B 45 -4.40 -0.34 -16.71
CA LEU B 45 -4.08 0.63 -15.68
C LEU B 45 -4.60 2.03 -16.02
N GLY B 46 -5.22 2.67 -15.04
CA GLY B 46 -5.78 4.00 -15.24
C GLY B 46 -7.12 4.06 -15.94
N GLN B 47 -7.72 2.92 -16.28
CA GLN B 47 -8.92 2.91 -17.10
C GLN B 47 -10.06 2.01 -16.59
N GLY B 48 -9.86 1.24 -15.54
CA GLY B 48 -10.95 0.40 -15.06
C GLY B 48 -11.20 -0.82 -15.92
N HIS B 49 -12.42 -1.36 -15.78
CA HIS B 49 -12.81 -2.56 -16.50
C HIS B 49 -12.79 -2.32 -17.99
N ILE B 50 -12.06 -3.17 -18.72
CA ILE B 50 -11.88 -2.97 -20.16
C ILE B 50 -12.23 -4.25 -20.93
N CYS B 51 -11.91 -5.41 -20.37
CA CYS B 51 -12.13 -6.68 -21.03
C CYS B 51 -12.60 -7.71 -20.01
N GLY B 52 -13.08 -8.85 -20.53
CA GLY B 52 -13.42 -9.99 -19.71
C GLY B 52 -12.56 -11.19 -20.06
N ALA B 53 -12.61 -12.20 -19.20
CA ALA B 53 -11.91 -13.45 -19.42
C ALA B 53 -12.53 -14.51 -18.51
N SER B 54 -12.01 -15.73 -18.62
CA SER B 54 -12.52 -16.86 -17.86
C SER B 54 -11.37 -17.64 -17.24
N LEU B 55 -11.58 -18.09 -16.01
CA LEU B 55 -10.58 -18.86 -15.28
C LEU B 55 -10.70 -20.33 -15.67
N ILE B 56 -9.58 -20.93 -16.09
CA ILE B 56 -9.56 -22.34 -16.50
C ILE B 56 -8.64 -23.19 -15.65
N SER B 57 -7.82 -22.58 -14.78
CA SER B 57 -6.89 -23.29 -13.90
C SER B 57 -6.42 -22.30 -12.84
N PRO B 58 -5.67 -22.73 -11.81
CA PRO B 58 -5.17 -21.76 -10.82
C PRO B 58 -4.32 -20.67 -11.44
N ASN B 59 -3.77 -20.90 -12.63
CA ASN B 59 -2.79 -19.99 -13.22
C ASN B 59 -3.22 -19.34 -14.54
N TRP B 60 -4.26 -19.85 -15.20
CA TRP B 60 -4.50 -19.47 -16.60
C TRP B 60 -5.91 -18.95 -16.82
N LEU B 61 -6.00 -17.95 -17.69
CA LEU B 61 -7.26 -17.41 -18.18
C LEU B 61 -7.32 -17.52 -19.69
N VAL B 62 -8.55 -17.58 -20.21
CA VAL B 62 -8.83 -17.48 -21.64
C VAL B 62 -9.51 -16.15 -21.89
N SER B 63 -9.02 -15.39 -22.85
CA SER B 63 -9.59 -14.09 -23.20
C SER B 63 -9.51 -13.94 -24.72
N ALA B 64 -9.76 -12.73 -25.20
CA ALA B 64 -9.72 -12.46 -26.63
C ALA B 64 -8.44 -11.72 -27.00
N ALA B 65 -7.83 -12.13 -28.12
CA ALA B 65 -6.54 -11.58 -28.53
C ALA B 65 -6.64 -10.09 -28.86
N HIS B 66 -7.75 -9.68 -29.45
CA HIS B 66 -7.88 -8.28 -29.86
C HIS B 66 -7.92 -7.32 -28.68
N CYS B 67 -8.17 -7.81 -27.47
CA CYS B 67 -8.05 -6.97 -26.28
C CYS B 67 -6.63 -6.45 -26.06
N TYR B 68 -5.63 -7.12 -26.63
CA TYR B 68 -4.24 -6.86 -26.28
C TYR B 68 -3.43 -6.29 -27.42
N ILE B 69 -4.08 -5.45 -28.22
CA ILE B 69 -3.45 -4.73 -29.31
C ILE B 69 -3.23 -3.28 -28.90
N ASP B 70 -2.01 -2.78 -29.12
CA ASP B 70 -1.72 -1.42 -28.71
C ASP B 70 -2.53 -0.45 -29.56
N ASP B 71 -3.33 0.37 -28.90
CA ASP B 71 -4.09 1.42 -29.54
C ASP B 71 -3.65 2.72 -28.90
N ARG B 72 -3.77 3.81 -29.66
CA ARG B 72 -3.36 5.14 -29.22
C ARG B 72 -1.93 5.07 -28.67
N GLY B 73 -1.67 5.64 -27.50
CA GLY B 73 -0.39 5.58 -26.84
C GLY B 73 -0.33 4.57 -25.71
N PHE B 74 -1.44 3.90 -25.40
CA PHE B 74 -1.46 2.90 -24.35
C PHE B 74 -1.08 1.54 -24.90
N ARG B 75 -0.18 0.87 -24.19
CA ARG B 75 0.36 -0.44 -24.57
C ARG B 75 -0.50 -1.55 -23.98
N TYR B 76 -1.57 -1.91 -24.68
CA TYR B 76 -2.44 -3.00 -24.22
C TYR B 76 -1.79 -4.37 -24.39
N SER B 77 -0.82 -4.48 -25.31
CA SER B 77 -0.09 -5.73 -25.49
C SER B 77 0.89 -6.00 -24.37
N ASP B 78 1.13 -4.99 -23.52
CA ASP B 78 2.10 -5.11 -22.43
C ASP B 78 1.42 -5.78 -21.25
N PRO B 79 1.77 -7.01 -20.90
CA PRO B 79 1.07 -7.69 -19.79
C PRO B 79 1.23 -7.01 -18.43
N THR B 80 2.30 -6.22 -18.23
CA THR B 80 2.50 -5.54 -16.95
C THR B 80 1.46 -4.46 -16.67
N GLN B 81 0.63 -4.10 -17.64
CA GLN B 81 -0.35 -3.02 -17.48
C GLN B 81 -1.76 -3.53 -17.18
N TRP B 82 -1.89 -4.78 -16.73
CA TRP B 82 -3.19 -5.38 -16.57
C TRP B 82 -3.34 -5.89 -15.15
N THR B 83 -4.58 -5.84 -14.65
CA THR B 83 -4.94 -6.39 -13.36
C THR B 83 -6.20 -7.20 -13.54
N ALA B 84 -6.17 -8.44 -13.06
CA ALA B 84 -7.32 -9.34 -13.15
C ALA B 84 -8.05 -9.34 -11.81
N PHE B 85 -9.35 -9.16 -11.86
CA PHE B 85 -10.20 -9.27 -10.67
C PHE B 85 -11.04 -10.52 -10.82
N LEU B 86 -10.92 -11.43 -9.86
CA LEU B 86 -11.65 -12.67 -9.86
C LEU B 86 -12.65 -12.65 -8.71
N GLY B 87 -13.76 -13.36 -8.88
CA GLY B 87 -14.80 -13.32 -7.88
C GLY B 87 -15.41 -11.96 -7.69
N LEU B 88 -15.34 -11.09 -8.68
CA LEU B 88 -15.85 -9.74 -8.56
C LEU B 88 -17.30 -9.74 -9.02
N HIS B 89 -18.14 -9.03 -8.27
CA HIS B 89 -19.57 -8.95 -8.55
C HIS B 89 -20.03 -7.55 -8.94
N ASP B 90 -19.60 -6.55 -8.17
CA ASP B 90 -20.00 -5.16 -8.38
C ASP B 90 -18.72 -4.36 -8.62
N GLN B 91 -18.65 -3.67 -9.77
CA GLN B 91 -17.42 -2.97 -10.12
C GLN B 91 -17.13 -1.79 -9.22
N SER B 92 -18.08 -1.37 -8.38
CA SER B 92 -17.82 -0.40 -7.33
C SER B 92 -17.53 -1.06 -5.98
N GLN B 93 -17.34 -2.38 -5.97
CA GLN B 93 -17.07 -3.16 -4.75
C GLN B 93 -15.95 -4.09 -5.22
N ARG B 94 -14.72 -3.60 -5.20
CA ARG B 94 -13.58 -4.44 -5.58
C ARG B 94 -12.81 -4.71 -4.28
N SER B 95 -13.15 -4.02 -3.18
CA SER B 95 -12.65 -4.40 -1.86
C SER B 95 -13.44 -5.53 -1.20
N ALA B 96 -14.61 -5.89 -1.74
CA ALA B 96 -15.50 -6.88 -1.14
C ALA B 96 -14.75 -8.17 -0.80
N PRO B 97 -15.29 -8.99 0.13
CA PRO B 97 -14.56 -10.18 0.60
C PRO B 97 -14.01 -11.13 -0.46
N GLY B 98 -14.88 -11.70 -1.30
CA GLY B 98 -14.41 -12.78 -2.15
C GLY B 98 -13.49 -12.38 -3.29
N VAL B 99 -13.35 -11.07 -3.54
CA VAL B 99 -12.57 -10.61 -4.68
C VAL B 99 -11.10 -10.96 -4.51
N GLN B 100 -10.48 -11.44 -5.58
CA GLN B 100 -9.04 -11.64 -5.64
C GLN B 100 -8.46 -10.83 -6.78
N GLU B 101 -7.28 -10.26 -6.55
CA GLU B 101 -6.61 -9.38 -7.48
C GLU B 101 -5.32 -10.05 -7.94
N ARG B 102 -5.15 -10.18 -9.25
CA ARG B 102 -3.94 -10.78 -9.80
C ARG B 102 -3.40 -9.99 -10.98
N ARG B 103 -2.08 -9.81 -10.99
CA ARG B 103 -1.41 -9.26 -12.15
C ARG B 103 -1.00 -10.37 -13.09
N LEU B 104 -0.87 -10.03 -14.36
CA LEU B 104 -0.54 -11.00 -15.40
C LEU B 104 0.96 -11.07 -15.62
N LYS B 105 1.44 -12.28 -15.88
CA LYS B 105 2.85 -12.53 -16.14
C LYS B 105 3.16 -12.73 -17.62
N ARG B 106 2.19 -13.19 -18.41
CA ARG B 106 2.43 -13.46 -19.82
C ARG B 106 1.10 -13.40 -20.57
N ILE B 107 1.15 -12.92 -21.81
CA ILE B 107 0.02 -12.93 -22.73
C ILE B 107 0.40 -13.73 -23.97
N ILE B 108 -0.41 -14.75 -24.29
CA ILE B 108 -0.21 -15.58 -25.48
C ILE B 108 -1.41 -15.38 -26.40
N SER B 109 -1.26 -14.52 -27.40
CA SER B 109 -2.25 -14.42 -28.45
C SER B 109 -2.08 -15.59 -29.43
N HIS B 110 -3.15 -15.94 -30.12
CA HIS B 110 -3.06 -17.03 -31.08
C HIS B 110 -2.20 -16.60 -32.27
N PRO B 111 -1.23 -17.40 -32.69
CA PRO B 111 -0.35 -17.00 -33.79
C PRO B 111 -1.07 -16.59 -35.07
N PHE B 112 -2.30 -17.08 -35.27
CA PHE B 112 -3.03 -16.83 -36.51
C PHE B 112 -4.07 -15.72 -36.40
N PHE B 113 -4.06 -14.98 -35.30
CA PHE B 113 -5.10 -13.98 -35.07
C PHE B 113 -4.94 -12.82 -36.05
N ASN B 114 -6.05 -12.45 -36.70
CA ASN B 114 -6.06 -11.39 -37.69
C ASN B 114 -6.83 -10.23 -37.08
N ASP B 115 -6.14 -9.11 -36.83
CA ASP B 115 -6.75 -8.11 -35.98
C ASP B 115 -7.74 -7.23 -36.79
N PHE B 116 -8.07 -7.63 -38.02
CA PHE B 116 -9.09 -6.98 -38.84
C PHE B 116 -10.34 -7.82 -39.00
N THR B 117 -10.22 -9.07 -39.44
CA THR B 117 -11.39 -9.95 -39.47
C THR B 117 -11.71 -10.56 -38.13
N PHE B 118 -10.82 -10.38 -37.13
CA PHE B 118 -10.98 -10.96 -35.80
C PHE B 118 -11.12 -12.48 -35.87
N ASP B 119 -10.43 -13.08 -36.83
CA ASP B 119 -10.37 -14.53 -36.91
C ASP B 119 -9.29 -15.02 -35.95
N TYR B 120 -9.51 -16.20 -35.37
CA TYR B 120 -8.64 -16.74 -34.32
C TYR B 120 -8.49 -15.77 -33.16
N ASP B 121 -9.61 -15.23 -32.70
CA ASP B 121 -9.58 -14.14 -31.73
C ASP B 121 -9.62 -14.72 -30.31
N ILE B 122 -8.48 -15.27 -29.89
CA ILE B 122 -8.38 -15.90 -28.58
C ILE B 122 -6.96 -15.66 -28.03
N ALA B 123 -6.85 -15.58 -26.71
CA ALA B 123 -5.57 -15.37 -26.06
C ALA B 123 -5.58 -16.05 -24.69
N LEU B 124 -4.39 -16.35 -24.21
CA LEU B 124 -4.18 -16.98 -22.91
C LEU B 124 -3.44 -16.01 -22.01
N LEU B 125 -3.89 -15.91 -20.75
CA LEU B 125 -3.30 -15.00 -19.78
C LEU B 125 -2.75 -15.82 -18.63
N GLU B 126 -1.48 -15.63 -18.31
CA GLU B 126 -0.86 -16.32 -17.18
C GLU B 126 -0.88 -15.41 -15.97
N LEU B 127 -1.51 -15.89 -14.90
CA LEU B 127 -1.50 -15.15 -13.63
C LEU B 127 -0.11 -15.18 -13.02
N GLU B 128 0.27 -14.07 -12.40
CA GLU B 128 1.61 -14.00 -11.80
C GLU B 128 1.69 -14.91 -10.58
N LYS B 129 0.66 -14.89 -9.74
CA LYS B 129 0.52 -15.77 -8.60
C LYS B 129 -0.81 -16.51 -8.71
N PRO B 130 -0.87 -17.77 -8.28
CA PRO B 130 -2.08 -18.56 -8.48
C PRO B 130 -3.31 -17.92 -7.87
N ALA B 131 -4.45 -18.16 -8.50
CA ALA B 131 -5.72 -17.81 -7.88
C ALA B 131 -6.04 -18.82 -6.79
N GLU B 132 -6.85 -18.41 -5.83
CA GLU B 132 -7.26 -19.30 -4.75
C GLU B 132 -8.72 -19.68 -4.98
N TYR B 133 -8.95 -20.97 -5.20
CA TYR B 133 -10.32 -21.45 -5.38
C TYR B 133 -11.15 -21.21 -4.13
N SER B 134 -12.38 -20.79 -4.33
CA SER B 134 -13.29 -20.49 -3.24
C SER B 134 -14.72 -20.66 -3.74
N SER B 135 -15.69 -20.29 -2.90
CA SER B 135 -17.08 -20.23 -3.36
C SER B 135 -17.24 -19.35 -4.59
N MET B 136 -16.49 -18.26 -4.68
CA MET B 136 -16.68 -17.24 -5.70
C MET B 136 -15.68 -17.32 -6.86
N VAL B 137 -14.61 -18.10 -6.74
CA VAL B 137 -13.56 -18.16 -7.76
C VAL B 137 -13.31 -19.64 -8.05
N ARG B 138 -13.83 -20.10 -9.19
CA ARG B 138 -13.71 -21.51 -9.58
C ARG B 138 -13.49 -21.57 -11.09
N PRO B 139 -12.90 -22.63 -11.55
CA PRO B 139 -12.62 -22.85 -12.97
C PRO B 139 -13.79 -23.42 -13.73
N ILE B 140 -13.80 -23.22 -15.04
CA ILE B 140 -14.86 -23.71 -15.87
C ILE B 140 -14.30 -24.82 -16.73
N CYS B 141 -15.16 -25.64 -17.28
CA CYS B 141 -14.74 -26.72 -18.12
C CYS B 141 -14.38 -26.32 -19.52
N LEU B 142 -13.43 -27.03 -20.08
CA LEU B 142 -13.00 -26.78 -21.42
C LEU B 142 -13.55 -27.93 -22.22
N PRO B 143 -14.21 -27.65 -23.31
CA PRO B 143 -14.83 -28.72 -24.10
C PRO B 143 -13.80 -29.42 -24.97
N ASP B 144 -14.04 -30.73 -25.17
CA ASP B 144 -13.23 -31.48 -26.11
C ASP B 144 -13.39 -30.89 -27.51
N ALA B 145 -12.33 -31.00 -28.30
CA ALA B 145 -12.37 -30.47 -29.66
C ALA B 145 -13.47 -31.10 -30.50
N SER B 146 -13.97 -32.26 -30.09
CA SER B 146 -15.08 -32.91 -30.77
C SER B 146 -16.42 -32.62 -30.11
N HIS B 147 -16.43 -31.83 -29.03
CA HIS B 147 -17.68 -31.49 -28.37
C HIS B 147 -18.51 -30.57 -29.27
N VAL B 148 -19.77 -30.94 -29.46
CA VAL B 148 -20.66 -30.27 -30.40
C VAL B 148 -21.71 -29.51 -29.59
N PHE B 149 -21.90 -28.24 -29.93
CA PHE B 149 -23.02 -27.45 -29.41
C PHE B 149 -24.04 -27.27 -30.52
N PRO B 150 -25.11 -28.03 -30.54
CA PRO B 150 -25.96 -28.10 -31.73
C PRO B 150 -26.81 -26.86 -31.90
N ALA B 151 -27.35 -26.70 -33.11
CA ALA B 151 -28.24 -25.58 -33.39
C ALA B 151 -29.43 -25.64 -32.43
N GLY B 152 -29.77 -24.48 -31.84
CA GLY B 152 -30.82 -24.41 -30.86
C GLY B 152 -30.39 -24.54 -29.42
N LYS B 153 -29.13 -24.87 -29.16
CA LYS B 153 -28.65 -25.05 -27.80
C LYS B 153 -28.46 -23.69 -27.13
N ALA B 154 -28.90 -23.59 -25.88
CA ALA B 154 -28.84 -22.35 -25.13
C ALA B 154 -27.46 -22.20 -24.49
N ILE B 155 -26.93 -20.98 -24.55
CA ILE B 155 -25.61 -20.66 -24.00
C ILE B 155 -25.72 -19.31 -23.31
N TRP B 156 -25.06 -19.17 -22.15
CA TRP B 156 -25.15 -17.96 -21.37
C TRP B 156 -24.06 -16.96 -21.76
N VAL B 157 -24.47 -15.70 -21.93
CA VAL B 157 -23.56 -14.59 -22.16
C VAL B 157 -23.62 -13.71 -20.92
N THR B 158 -22.44 -13.40 -20.37
CA THR B 158 -22.37 -12.69 -19.10
C THR B 158 -21.22 -11.68 -19.12
N GLY B 159 -21.41 -10.57 -18.42
CA GLY B 159 -20.38 -9.55 -18.35
C GLY B 159 -20.95 -8.22 -17.90
N TRP B 160 -20.13 -7.17 -18.13
CA TRP B 160 -20.47 -5.80 -17.77
C TRP B 160 -20.48 -4.90 -19.00
N GLY B 161 -20.88 -5.44 -20.15
CA GLY B 161 -20.72 -4.73 -21.40
C GLY B 161 -21.52 -3.44 -21.47
N HIS B 162 -21.07 -2.57 -22.38
CA HIS B 162 -21.75 -1.33 -22.71
C HIS B 162 -22.95 -1.59 -23.63
N THR B 163 -23.80 -0.57 -23.78
CA THR B 163 -24.80 -0.63 -24.83
C THR B 163 -24.09 -0.61 -26.19
N GLN B 164 -24.82 -0.89 -27.24
CA GLN B 164 -24.22 -0.81 -28.53
C GLN B 164 -23.93 0.63 -28.92
N TYR B 165 -24.50 1.60 -28.23
CA TYR B 165 -24.32 3.00 -28.57
C TYR B 165 -23.47 3.89 -27.69
N GLY B 166 -22.59 3.20 -26.97
CA GLY B 166 -21.61 3.74 -26.07
C GLY B 166 -21.86 3.76 -24.59
N GLY B 167 -23.11 3.71 -24.19
CA GLY B 167 -23.52 3.78 -22.83
C GLY B 167 -22.91 2.89 -21.83
N THR B 168 -22.65 3.48 -20.67
CA THR B 168 -22.15 2.77 -19.50
C THR B 168 -22.73 1.44 -19.17
N GLY B 169 -21.85 0.51 -18.91
CA GLY B 169 -22.28 -0.80 -18.52
C GLY B 169 -22.79 -0.78 -17.10
N ALA B 170 -23.33 -1.92 -16.68
CA ALA B 170 -23.90 -1.99 -15.36
C ALA B 170 -22.82 -2.30 -14.34
N LEU B 171 -23.05 -1.86 -13.10
CA LEU B 171 -22.09 -2.13 -12.03
C LEU B 171 -22.17 -3.59 -11.60
N ILE B 172 -23.37 -4.13 -11.55
CA ILE B 172 -23.60 -5.52 -11.18
C ILE B 172 -23.52 -6.38 -12.43
N LEU B 173 -22.82 -7.51 -12.31
CA LEU B 173 -22.60 -8.39 -13.45
C LEU B 173 -23.94 -8.85 -14.02
N GLN B 174 -24.02 -8.93 -15.34
CA GLN B 174 -25.27 -9.23 -16.02
C GLN B 174 -25.21 -10.58 -16.72
N LYS B 175 -26.38 -11.22 -16.82
CA LYS B 175 -26.49 -12.51 -17.46
C LYS B 175 -27.54 -12.44 -18.55
N GLY B 176 -27.40 -13.32 -19.53
CA GLY B 176 -28.37 -13.43 -20.61
C GLY B 176 -28.09 -14.68 -21.39
N GLU B 177 -29.05 -15.07 -22.22
CA GLU B 177 -28.95 -16.29 -23.00
C GLU B 177 -28.97 -15.99 -24.49
N ILE B 178 -28.22 -16.79 -25.23
CA ILE B 178 -28.32 -16.84 -26.68
C ILE B 178 -28.59 -18.29 -27.07
N ARG B 179 -28.82 -18.53 -28.36
CA ARG B 179 -29.01 -19.87 -28.89
C ARG B 179 -28.08 -20.07 -30.08
N VAL B 180 -27.55 -21.27 -30.23
CA VAL B 180 -26.75 -21.57 -31.42
C VAL B 180 -27.67 -21.54 -32.64
N ILE B 181 -27.15 -20.97 -33.73
CA ILE B 181 -27.91 -20.80 -34.96
C ILE B 181 -27.12 -21.50 -36.07
N GLN B 182 -27.78 -21.70 -37.22
CA GLN B 182 -27.13 -22.37 -38.34
C GLN B 182 -26.08 -21.43 -38.94
N GLN B 183 -24.90 -22.00 -39.26
CA GLN B 183 -23.80 -21.19 -39.79
C GLN B 183 -24.20 -20.47 -41.08
N THR B 184 -25.09 -21.07 -41.87
CA THR B 184 -25.52 -20.46 -43.13
C THR B 184 -26.23 -19.13 -42.93
N THR B 185 -26.97 -18.97 -41.83
CA THR B 185 -27.75 -17.75 -41.62
C THR B 185 -26.87 -16.52 -41.58
N CYS B 186 -25.83 -16.57 -40.76
CA CYS B 186 -24.90 -15.46 -40.59
C CYS B 186 -24.03 -15.28 -41.82
N GLU B 187 -23.78 -16.36 -42.56
CA GLU B 187 -23.06 -16.23 -43.83
C GLU B 187 -23.85 -15.34 -44.79
N ASN B 188 -25.17 -15.57 -44.90
CA ASN B 188 -25.99 -14.83 -45.86
C ASN B 188 -26.54 -13.52 -45.31
N LEU B 189 -26.52 -13.28 -44.00
CA LEU B 189 -27.09 -12.06 -43.45
C LEU B 189 -26.07 -11.07 -42.92
N LEU B 190 -24.85 -11.50 -42.65
CA LEU B 190 -23.97 -10.42 -42.25
C LEU B 190 -22.95 -10.15 -43.34
N PRO B 191 -22.57 -8.88 -43.54
CA PRO B 191 -21.64 -8.58 -44.64
C PRO B 191 -20.22 -8.96 -44.29
N GLN B 192 -19.81 -8.78 -43.04
CA GLN B 192 -18.48 -9.15 -42.56
C GLN B 192 -18.16 -10.59 -42.87
N GLN B 193 -16.89 -10.94 -42.85
CA GLN B 193 -16.50 -12.29 -43.19
C GLN B 193 -16.74 -13.21 -42.00
N ILE B 194 -17.34 -14.36 -42.26
CA ILE B 194 -17.67 -15.34 -41.22
C ILE B 194 -16.88 -16.61 -41.51
N THR B 195 -15.98 -16.95 -40.59
CA THR B 195 -15.02 -18.04 -40.75
C THR B 195 -15.35 -19.22 -39.84
N PRO B 196 -14.78 -20.40 -40.12
CA PRO B 196 -15.05 -21.57 -39.25
C PRO B 196 -14.60 -21.44 -37.80
N ARG B 197 -13.74 -20.49 -37.45
CA ARG B 197 -13.46 -20.30 -36.01
C ARG B 197 -14.59 -19.60 -35.30
N MET B 198 -15.65 -19.22 -35.98
CA MET B 198 -16.67 -18.37 -35.40
C MET B 198 -17.99 -19.11 -35.38
N MET B 199 -18.70 -18.97 -34.27
CA MET B 199 -20.01 -19.60 -34.08
C MET B 199 -21.09 -18.54 -34.17
N CYS B 200 -22.18 -18.88 -34.84
CA CYS B 200 -23.27 -17.95 -35.00
C CYS B 200 -24.41 -18.24 -34.04
N VAL B 201 -24.97 -17.16 -33.47
CA VAL B 201 -26.00 -17.28 -32.44
C VAL B 201 -27.12 -16.28 -32.70
N GLY B 202 -28.25 -16.55 -32.04
CA GLY B 202 -29.36 -15.63 -32.04
C GLY B 202 -29.77 -15.34 -30.61
N PHE B 203 -30.47 -14.23 -30.43
CA PHE B 203 -30.91 -13.83 -29.09
C PHE B 203 -31.92 -14.83 -28.53
N LEU B 204 -31.81 -15.09 -27.23
CA LEU B 204 -32.75 -15.96 -26.53
C LEU B 204 -33.44 -15.22 -25.38
N SER B 205 -32.71 -14.75 -24.41
CA SER B 205 -33.32 -14.07 -23.30
C SER B 205 -32.41 -13.02 -22.73
N GLY B 206 -32.98 -11.98 -22.13
CA GLY B 206 -32.22 -10.87 -21.59
C GLY B 206 -33.17 -9.81 -21.12
N GLY B 207 -32.91 -8.54 -21.35
CA GLY B 207 -32.04 -8.02 -22.37
C GLY B 207 -32.70 -7.59 -23.65
N VAL B 208 -32.07 -6.72 -24.40
CA VAL B 208 -32.60 -6.29 -25.66
C VAL B 208 -31.62 -6.71 -26.71
N ASP B 209 -30.45 -7.11 -26.25
CA ASP B 209 -29.39 -7.65 -27.08
C ASP B 209 -28.48 -8.44 -26.15
N SER B 210 -27.51 -9.13 -26.72
CA SER B 210 -26.54 -9.88 -25.93
C SER B 210 -25.27 -9.07 -25.69
N CYS B 211 -25.38 -7.75 -25.69
CA CYS B 211 -24.22 -6.87 -25.57
C CYS B 211 -23.74 -6.70 -24.12
N GLN B 212 -24.27 -7.46 -23.15
CA GLN B 212 -23.71 -7.41 -21.80
C GLN B 212 -22.36 -8.11 -21.72
N GLY B 213 -22.07 -9.01 -22.65
CA GLY B 213 -20.79 -9.70 -22.64
C GLY B 213 -19.65 -8.79 -23.04
N ASP B 214 -18.57 -8.83 -22.25
CA ASP B 214 -17.35 -8.12 -22.57
C ASP B 214 -16.48 -8.96 -23.47
N ALA B 215 -15.79 -8.31 -24.41
CA ALA B 215 -14.81 -8.95 -25.27
C ALA B 215 -13.88 -9.84 -24.46
N GLY B 216 -13.69 -11.08 -24.93
CA GLY B 216 -12.89 -12.03 -24.20
C GLY B 216 -13.62 -12.75 -23.08
N GLY B 217 -14.84 -12.33 -22.76
CA GLY B 217 -15.62 -12.99 -21.74
C GLY B 217 -16.12 -14.34 -22.21
N PRO B 218 -16.52 -15.20 -21.28
CA PRO B 218 -16.90 -16.57 -21.64
C PRO B 218 -18.37 -16.72 -22.01
N LEU B 219 -18.60 -17.65 -22.94
CA LEU B 219 -19.94 -18.18 -23.21
C LEU B 219 -20.10 -19.49 -22.44
N SER B 220 -21.02 -19.50 -21.47
CA SER B 220 -21.22 -20.65 -20.60
C SER B 220 -22.42 -21.48 -21.05
N SER B 221 -22.24 -22.78 -21.06
CA SER B 221 -23.26 -23.73 -21.52
C SER B 221 -23.40 -24.83 -20.49
N VAL B 222 -24.61 -25.00 -19.95
CA VAL B 222 -24.88 -26.09 -19.02
C VAL B 222 -25.04 -27.37 -19.82
N GLU B 223 -24.22 -28.37 -19.51
CA GLU B 223 -24.24 -29.63 -20.23
C GLU B 223 -25.12 -30.63 -19.50
N ALA B 224 -25.18 -31.84 -20.07
CA ALA B 224 -26.13 -32.84 -19.57
C ALA B 224 -25.81 -33.28 -18.14
N ASP B 225 -24.54 -33.58 -17.81
CA ASP B 225 -24.28 -33.99 -16.43
C ASP B 225 -24.66 -32.89 -15.46
N GLY B 226 -24.54 -31.64 -15.91
CA GLY B 226 -24.85 -30.49 -15.10
C GLY B 226 -23.65 -29.59 -14.89
N ARG B 227 -22.53 -29.99 -15.46
CA ARG B 227 -21.33 -29.19 -15.36
C ARG B 227 -21.44 -28.14 -16.43
N ILE B 228 -20.79 -27.01 -16.23
CA ILE B 228 -20.84 -25.97 -17.21
C ILE B 228 -19.55 -25.89 -18.01
N PHE B 229 -19.67 -25.92 -19.32
CA PHE B 229 -18.55 -25.84 -20.24
C PHE B 229 -18.55 -24.48 -20.94
N GLN B 230 -17.36 -24.04 -21.35
CA GLN B 230 -17.23 -22.80 -22.11
C GLN B 230 -17.36 -23.11 -23.60
N ALA B 231 -18.46 -22.68 -24.20
CA ALA B 231 -18.66 -22.92 -25.63
C ALA B 231 -17.89 -21.96 -26.51
N GLY B 232 -17.59 -20.76 -26.03
CA GLY B 232 -16.89 -19.82 -26.87
C GLY B 232 -16.40 -18.61 -26.12
N VAL B 233 -15.93 -17.63 -26.91
CA VAL B 233 -15.37 -16.37 -26.40
C VAL B 233 -16.01 -15.22 -27.17
N VAL B 234 -16.31 -14.14 -26.46
CA VAL B 234 -16.88 -12.94 -27.09
C VAL B 234 -15.81 -12.26 -27.92
N SER B 235 -16.14 -11.93 -29.17
CA SER B 235 -15.21 -11.23 -30.06
C SER B 235 -15.23 -9.74 -30.38
N TRP B 236 -16.37 -9.19 -30.80
CA TRP B 236 -16.46 -7.74 -30.95
C TRP B 236 -17.42 -7.57 -29.78
N GLY B 237 -17.16 -6.55 -28.96
CA GLY B 237 -18.12 -6.18 -27.95
C GLY B 237 -19.48 -5.84 -28.53
N ASP B 238 -19.51 -5.37 -29.78
CA ASP B 238 -20.76 -4.99 -30.42
C ASP B 238 -21.04 -5.88 -31.64
N GLY B 239 -20.56 -7.13 -31.60
CA GLY B 239 -21.02 -8.13 -32.54
C GLY B 239 -22.13 -8.95 -31.92
N CYS B 240 -22.94 -8.31 -31.10
CA CYS B 240 -23.92 -8.98 -30.25
C CYS B 240 -25.22 -9.26 -31.01
N ALA B 241 -25.98 -10.22 -30.49
CA ALA B 241 -27.23 -10.67 -31.10
C ALA B 241 -28.38 -9.73 -30.73
N GLN B 242 -29.36 -9.66 -31.61
CA GLN B 242 -30.52 -8.80 -31.39
C GLN B 242 -31.70 -9.34 -32.22
N ARG B 243 -32.80 -8.60 -32.22
CA ARG B 243 -34.04 -9.07 -32.83
C ARG B 243 -33.88 -9.31 -34.33
N ASN B 244 -33.27 -8.36 -35.04
CA ASN B 244 -33.24 -8.43 -36.50
C ASN B 244 -31.96 -9.05 -37.08
N LYS B 245 -30.87 -9.09 -36.33
CA LYS B 245 -29.68 -9.73 -36.88
C LYS B 245 -29.09 -10.74 -35.90
N PRO B 246 -28.43 -11.78 -36.41
CA PRO B 246 -27.74 -12.73 -35.54
C PRO B 246 -26.43 -12.18 -35.01
N GLY B 247 -25.80 -12.95 -34.12
CA GLY B 247 -24.51 -12.56 -33.60
C GLY B 247 -23.40 -13.55 -33.91
N VAL B 248 -22.15 -13.10 -33.85
CA VAL B 248 -20.99 -13.93 -34.11
C VAL B 248 -20.14 -14.00 -32.85
N TYR B 249 -19.70 -15.20 -32.51
CA TYR B 249 -18.79 -15.40 -31.39
C TYR B 249 -17.73 -16.41 -31.79
N THR B 250 -16.64 -16.44 -31.03
CA THR B 250 -15.52 -17.31 -31.32
C THR B 250 -15.76 -18.68 -30.70
N ARG B 251 -15.60 -19.73 -31.48
CA ARG B 251 -15.72 -21.08 -30.94
C ARG B 251 -14.50 -21.40 -30.07
N LEU B 252 -14.66 -22.39 -29.21
CA LEU B 252 -13.56 -22.77 -28.34
C LEU B 252 -13.03 -24.20 -28.56
N PRO B 253 -13.87 -25.21 -28.82
CA PRO B 253 -13.34 -26.59 -28.86
C PRO B 253 -12.20 -26.78 -29.86
N LEU B 254 -12.24 -26.12 -31.02
CA LEU B 254 -11.17 -26.26 -31.98
C LEU B 254 -9.84 -25.67 -31.50
N PHE B 255 -9.82 -25.06 -30.31
CA PHE B 255 -8.60 -24.56 -29.71
C PHE B 255 -8.11 -25.40 -28.53
N ARG B 256 -8.76 -26.51 -28.22
CA ARG B 256 -8.43 -27.24 -26.99
C ARG B 256 -6.99 -27.72 -26.99
N ASP B 257 -6.56 -28.37 -28.08
CA ASP B 257 -5.17 -28.83 -28.14
C ASP B 257 -4.19 -27.67 -28.00
N TRP B 258 -4.47 -26.56 -28.63
CA TRP B 258 -3.61 -25.39 -28.55
C TRP B 258 -3.52 -24.88 -27.13
N ILE B 259 -4.62 -24.90 -26.43
CA ILE B 259 -4.64 -24.49 -25.06
C ILE B 259 -3.83 -25.40 -24.18
N LYS B 260 -4.00 -26.70 -24.34
CA LYS B 260 -3.29 -27.70 -23.55
C LYS B 260 -1.80 -27.64 -23.77
N GLU B 261 -1.42 -27.50 -25.00
CA GLU B 261 -0.06 -27.47 -25.38
C GLU B 261 0.67 -26.30 -24.77
N ASN B 262 0.01 -25.18 -24.65
CA ASN B 262 0.63 -23.95 -24.17
C ASN B 262 0.52 -23.77 -22.66
N THR B 263 -0.42 -24.45 -22.01
CA THR B 263 -0.64 -24.26 -20.58
C THR B 263 -0.55 -25.54 -19.76
N GLY B 264 -0.67 -26.71 -20.40
CA GLY B 264 -0.83 -27.96 -19.69
C GLY B 264 -2.25 -28.28 -19.28
N VAL B 265 -3.13 -27.28 -19.22
CA VAL B 265 -4.53 -27.49 -18.88
C VAL B 265 -5.28 -28.09 -20.07
N GLY C 11 20.39 4.29 16.18
CA GLY C 11 18.94 4.34 16.13
C GLY C 11 18.43 4.58 14.73
N THR C 12 17.77 3.57 14.17
CA THR C 12 17.22 3.64 12.82
C THR C 12 15.70 3.50 12.91
N ALA C 13 15.04 4.62 13.19
CA ALA C 13 13.59 4.77 13.06
C ALA C 13 12.79 4.03 14.13
N CYS C 14 13.43 3.79 15.27
CA CYS C 14 12.77 3.08 16.37
C CYS C 14 12.27 4.05 17.43
N GLY C 15 11.01 4.01 17.81
CA GLY C 15 10.58 4.93 18.85
C GLY C 15 10.27 6.35 18.46
N LEU C 16 9.60 6.50 17.35
CA LEU C 16 9.26 7.81 16.88
C LEU C 16 7.83 7.83 16.42
N ARG C 17 7.10 8.84 16.81
CA ARG C 17 5.78 9.09 16.27
C ARG C 17 5.44 10.29 15.39
N SER C 18 4.17 10.38 15.02
CA SER C 18 3.64 11.56 14.32
C SER C 18 2.12 11.56 14.53
N PHE C 19 1.68 12.24 15.59
CA PHE C 19 0.28 12.47 15.92
C PHE C 19 0.12 13.96 16.24
N THR C 20 -1.13 14.45 16.26
CA THR C 20 -1.41 15.80 16.72
C THR C 20 -2.62 15.81 17.64
N ARG C 21 -2.77 16.92 18.35
CA ARG C 21 -3.54 16.95 19.60
C ARG C 21 -5.03 16.71 19.39
N GLN C 22 -5.64 16.04 20.38
CA GLN C 22 -7.08 15.80 20.49
C GLN C 22 -8.34 15.29 19.79
N ALA C 23 -8.29 14.00 19.46
CA ALA C 23 -9.39 13.36 18.81
C ALA C 23 -10.83 12.95 19.15
N ALA C 24 -11.00 12.16 20.19
CA ALA C 24 -12.36 11.71 20.53
C ALA C 24 -13.14 12.70 21.39
N VAL C 25 -12.64 13.93 21.38
CA VAL C 25 -13.26 15.02 22.13
C VAL C 25 -13.44 14.60 23.57
N VAL C 26 -12.36 14.13 24.20
CA VAL C 26 -12.43 13.63 25.58
C VAL C 26 -11.12 13.95 26.28
N GLY C 27 -10.91 13.37 27.47
CA GLY C 27 -9.87 13.85 28.37
C GLY C 27 -8.47 13.33 28.56
N GLY C 28 -8.00 13.35 29.81
CA GLY C 28 -6.58 13.35 30.11
C GLY C 28 -5.89 12.00 30.11
N THR C 29 -6.62 10.91 30.32
CA THR C 29 -6.00 9.59 30.26
C THR C 29 -6.19 8.90 28.93
N ASP C 30 -7.15 9.33 28.10
CA ASP C 30 -7.37 8.67 26.83
C ASP C 30 -6.24 9.03 25.88
N ALA C 31 -5.59 8.02 25.32
CA ALA C 31 -4.51 8.26 24.38
C ALA C 31 -5.06 8.66 23.02
N ASP C 32 -4.25 9.38 22.27
CA ASP C 32 -4.63 9.77 20.92
C ASP C 32 -4.25 8.65 19.95
N GLU C 33 -4.92 8.65 18.80
CA GLU C 33 -4.58 7.70 17.75
C GLU C 33 -3.14 7.94 17.30
N GLY C 34 -2.35 6.87 17.28
CA GLY C 34 -0.96 6.96 16.88
C GLY C 34 -0.01 7.50 17.92
N GLU C 35 -0.44 7.67 19.16
CA GLU C 35 0.44 8.23 20.18
C GLU C 35 1.26 7.16 20.88
N TRP C 36 0.85 5.90 20.81
CA TRP C 36 1.67 4.78 21.29
C TRP C 36 1.65 3.70 20.23
N PRO C 37 2.36 3.91 19.11
CA PRO C 37 2.27 2.99 17.96
C PRO C 37 2.90 1.64 18.19
N TRP C 38 3.70 1.46 19.25
CA TRP C 38 4.31 0.18 19.55
C TRP C 38 3.46 -0.67 20.46
N GLN C 39 2.39 -0.11 21.02
CA GLN C 39 1.52 -0.84 21.93
C GLN C 39 0.77 -1.92 21.17
N VAL C 40 0.76 -3.13 21.72
CA VAL C 40 0.12 -4.28 21.09
C VAL C 40 -0.88 -4.88 22.06
N SER C 41 -2.04 -5.26 21.53
CA SER C 41 -3.07 -5.97 22.30
C SER C 41 -3.05 -7.44 21.91
N LEU C 42 -2.90 -8.31 22.90
CA LEU C 42 -2.86 -9.75 22.68
C LEU C 42 -4.16 -10.39 23.15
N HIS C 43 -4.78 -11.16 22.26
CA HIS C 43 -6.00 -11.90 22.55
C HIS C 43 -5.73 -13.39 22.61
N ALA C 44 -6.15 -14.03 23.70
CA ALA C 44 -6.26 -15.48 23.73
C ALA C 44 -7.64 -15.85 23.22
N LEU C 45 -7.69 -16.69 22.20
CA LEU C 45 -8.93 -16.87 21.43
C LEU C 45 -10.05 -17.33 22.35
N GLY C 46 -11.22 -16.75 22.15
CA GLY C 46 -12.36 -16.99 23.01
C GLY C 46 -12.38 -16.20 24.29
N GLN C 47 -11.40 -15.32 24.51
CA GLN C 47 -11.32 -14.55 25.74
C GLN C 47 -11.02 -13.07 25.53
N GLY C 48 -10.72 -12.63 24.32
CA GLY C 48 -10.43 -11.22 24.13
C GLY C 48 -9.06 -10.82 24.62
N HIS C 49 -8.91 -9.51 24.84
CA HIS C 49 -7.65 -8.94 25.27
C HIS C 49 -7.23 -9.49 26.62
N ILE C 50 -6.02 -10.04 26.71
CA ILE C 50 -5.56 -10.67 27.94
C ILE C 50 -4.21 -10.10 28.33
N CYS C 51 -3.37 -9.78 27.35
CA CYS C 51 -2.04 -9.28 27.66
C CYS C 51 -1.70 -8.16 26.69
N GLY C 52 -0.63 -7.44 27.03
CA GLY C 52 -0.08 -6.42 26.16
C GLY C 52 1.33 -6.81 25.75
N ALA C 53 1.84 -6.08 24.77
CA ALA C 53 3.19 -6.30 24.27
C ALA C 53 3.63 -5.05 23.53
N SER C 54 4.88 -5.05 23.07
CA SER C 54 5.45 -3.90 22.40
C SER C 54 6.18 -4.33 21.13
N LEU C 55 6.03 -3.51 20.09
CA LEU C 55 6.66 -3.79 18.80
C LEU C 55 8.09 -3.25 18.83
N ILE C 56 9.05 -4.11 18.50
CA ILE C 56 10.46 -3.73 18.46
C ILE C 56 11.08 -3.91 17.09
N SER C 57 10.40 -4.57 16.17
CA SER C 57 10.91 -4.82 14.83
C SER C 57 9.76 -5.30 13.96
N PRO C 58 9.94 -5.43 12.65
CA PRO C 58 8.85 -5.93 11.81
C PRO C 58 8.36 -7.32 12.19
N ASN C 59 9.15 -8.10 12.93
CA ASN C 59 8.80 -9.49 13.23
C ASN C 59 8.61 -9.83 14.71
N TRP C 60 9.08 -9.01 15.65
CA TRP C 60 9.20 -9.42 17.04
C TRP C 60 8.50 -8.47 17.99
N LEU C 61 7.90 -9.04 19.03
CA LEU C 61 7.32 -8.30 20.14
C LEU C 61 8.02 -8.66 21.44
N VAL C 62 7.94 -7.73 22.39
CA VAL C 62 8.40 -7.94 23.77
C VAL C 62 7.17 -8.02 24.66
N SER C 63 7.10 -9.07 25.49
CA SER C 63 6.01 -9.23 26.44
C SER C 63 6.55 -9.83 27.73
N ALA C 64 5.66 -10.24 28.62
CA ALA C 64 6.01 -10.84 29.90
C ALA C 64 5.74 -12.34 29.88
N ALA C 65 6.66 -13.10 30.47
CA ALA C 65 6.61 -14.56 30.42
C ALA C 65 5.39 -15.14 31.14
N HIS C 66 4.96 -14.51 32.25
CA HIS C 66 3.87 -15.12 33.02
C HIS C 66 2.55 -15.10 32.25
N CYS C 67 2.45 -14.28 31.20
CA CYS C 67 1.28 -14.33 30.34
C CYS C 67 1.11 -15.68 29.65
N TYR C 68 2.18 -16.45 29.50
CA TYR C 68 2.18 -17.62 28.61
C TYR C 68 2.47 -18.94 29.32
N ILE C 69 2.01 -19.11 30.55
CA ILE C 69 2.10 -20.39 31.23
C ILE C 69 0.70 -20.98 31.34
N ASP C 70 0.58 -22.26 30.99
CA ASP C 70 -0.72 -22.91 30.94
C ASP C 70 -1.29 -23.04 32.34
N ASP C 71 -2.48 -22.51 32.55
CA ASP C 71 -3.21 -22.66 33.80
C ASP C 71 -4.55 -23.32 33.50
N ARG C 72 -5.05 -24.06 34.49
CA ARG C 72 -6.28 -24.84 34.35
C ARG C 72 -6.24 -25.66 33.05
N GLY C 73 -7.29 -25.57 32.26
CA GLY C 73 -7.32 -26.33 31.03
C GLY C 73 -6.97 -25.56 29.81
N PHE C 74 -6.72 -24.27 29.94
CA PHE C 74 -6.40 -23.48 28.77
C PHE C 74 -4.90 -23.35 28.69
N ARG C 75 -4.35 -23.67 27.53
CA ARG C 75 -2.93 -23.63 27.39
C ARG C 75 -2.48 -22.35 26.77
N TYR C 76 -1.98 -21.48 27.60
CA TYR C 76 -1.49 -20.21 27.15
C TYR C 76 -0.14 -20.26 26.49
N SER C 77 0.65 -21.27 26.81
CA SER C 77 2.00 -21.34 26.23
C SER C 77 2.01 -21.63 24.74
N ASP C 78 0.88 -22.04 24.18
CA ASP C 78 0.82 -22.44 22.78
C ASP C 78 0.57 -21.21 21.91
N PRO C 79 1.51 -20.83 21.04
CA PRO C 79 1.29 -19.65 20.20
C PRO C 79 0.06 -19.78 19.30
N THR C 80 -0.41 -21.00 19.01
CA THR C 80 -1.58 -21.15 18.15
C THR C 80 -2.86 -20.61 18.78
N GLN C 81 -2.84 -20.24 20.06
CA GLN C 81 -4.02 -19.74 20.76
C GLN C 81 -4.05 -18.22 20.89
N TRP C 82 -3.24 -17.50 20.11
CA TRP C 82 -3.07 -16.07 20.34
C TRP C 82 -3.29 -15.28 19.06
N THR C 83 -3.79 -14.06 19.22
CA THR C 83 -3.97 -13.10 18.13
C THR C 83 -3.43 -11.75 18.57
N ALA C 84 -2.56 -11.17 17.74
CA ALA C 84 -1.95 -9.87 18.03
C ALA C 84 -2.63 -8.76 17.24
N PHE C 85 -2.99 -7.68 17.92
CA PHE C 85 -3.54 -6.48 17.29
C PHE C 85 -2.57 -5.32 17.44
N LEU C 86 -2.16 -4.73 16.33
CA LEU C 86 -1.21 -3.62 16.29
C LEU C 86 -1.89 -2.35 15.78
N GLY C 87 -1.38 -1.21 16.24
CA GLY C 87 -1.95 0.07 15.86
C GLY C 87 -3.40 0.25 16.27
N LEU C 88 -3.85 -0.51 17.25
CA LEU C 88 -5.25 -0.50 17.65
C LEU C 88 -5.47 0.53 18.75
N HIS C 89 -6.60 1.23 18.64
CA HIS C 89 -6.95 2.32 19.55
C HIS C 89 -8.16 1.99 20.41
N ASP C 90 -9.22 1.46 19.83
CA ASP C 90 -10.46 1.16 20.53
C ASP C 90 -10.76 -0.33 20.38
N GLN C 91 -10.88 -1.03 21.52
CA GLN C 91 -11.06 -2.49 21.48
C GLN C 91 -12.39 -2.91 20.90
N SER C 92 -13.34 -1.99 20.74
CA SER C 92 -14.55 -2.26 20.00
C SER C 92 -14.41 -1.82 18.54
N GLN C 93 -13.19 -1.51 18.11
CA GLN C 93 -12.91 -1.07 16.76
C GLN C 93 -11.68 -1.93 16.48
N ARG C 94 -11.85 -3.12 15.89
CA ARG C 94 -10.66 -3.81 15.43
C ARG C 94 -10.99 -3.82 13.94
N SER C 95 -12.16 -3.28 13.57
CA SER C 95 -12.48 -3.01 12.17
C SER C 95 -11.74 -1.80 11.63
N ALA C 96 -11.16 -0.98 12.51
CA ALA C 96 -10.54 0.30 12.17
C ALA C 96 -9.53 0.22 11.04
N PRO C 97 -9.27 1.35 10.36
CA PRO C 97 -8.33 1.34 9.22
C PRO C 97 -6.95 0.79 9.54
N GLY C 98 -6.26 1.45 10.47
CA GLY C 98 -4.86 1.18 10.70
C GLY C 98 -4.55 -0.12 11.42
N VAL C 99 -5.57 -0.81 11.95
CA VAL C 99 -5.32 -2.00 12.73
C VAL C 99 -4.72 -3.09 11.84
N GLN C 100 -3.68 -3.76 12.32
CA GLN C 100 -3.13 -4.95 11.67
C GLN C 100 -3.26 -6.13 12.61
N GLU C 101 -3.62 -7.27 12.03
CA GLU C 101 -3.86 -8.49 12.78
C GLU C 101 -2.81 -9.53 12.39
N ARG C 102 -2.15 -10.10 13.39
CA ARG C 102 -1.15 -11.13 13.12
C ARG C 102 -1.33 -12.28 14.11
N ARG C 103 -1.04 -13.48 13.63
CA ARG C 103 -0.97 -14.68 14.44
C ARG C 103 0.45 -14.86 14.94
N LEU C 104 0.61 -15.67 15.98
CA LEU C 104 1.91 -15.84 16.62
C LEU C 104 2.53 -17.16 16.19
N LYS C 105 3.84 -17.13 15.89
CA LYS C 105 4.60 -18.28 15.42
C LYS C 105 5.51 -18.89 16.46
N ARG C 106 6.02 -18.09 17.40
CA ARG C 106 6.96 -18.58 18.39
C ARG C 106 6.84 -17.72 19.64
N ILE C 107 6.93 -18.37 20.80
CA ILE C 107 7.02 -17.70 22.09
C ILE C 107 8.32 -18.15 22.74
N ILE C 108 9.18 -17.21 23.08
CA ILE C 108 10.42 -17.50 23.79
C ILE C 108 10.31 -16.79 25.14
N SER C 109 9.91 -17.54 26.18
CA SER C 109 9.97 -17.00 27.53
C SER C 109 11.41 -17.05 28.00
N HIS C 110 11.74 -16.19 28.96
CA HIS C 110 13.11 -16.16 29.45
C HIS C 110 13.37 -17.44 30.23
N PRO C 111 14.48 -18.14 29.94
CA PRO C 111 14.73 -19.44 30.60
C PRO C 111 14.69 -19.40 32.12
N PHE C 112 14.91 -18.24 32.72
CA PHE C 112 15.09 -18.11 34.15
C PHE C 112 13.87 -17.56 34.86
N PHE C 113 12.74 -17.50 34.15
CA PHE C 113 11.51 -16.95 34.71
C PHE C 113 11.00 -17.88 35.81
N ASN C 114 10.66 -17.29 36.96
CA ASN C 114 10.22 -18.01 38.14
C ASN C 114 8.77 -17.67 38.37
N ASP C 115 7.90 -18.69 38.41
CA ASP C 115 6.47 -18.40 38.42
C ASP C 115 6.03 -17.79 39.75
N PHE C 116 6.71 -18.13 40.84
CA PHE C 116 6.26 -17.66 42.14
C PHE C 116 6.71 -16.22 42.41
N THR C 117 7.96 -15.89 42.11
CA THR C 117 8.44 -14.53 42.36
C THR C 117 8.30 -13.62 41.15
N PHE C 118 7.92 -14.15 39.99
CA PHE C 118 7.82 -13.38 38.74
C PHE C 118 9.14 -12.68 38.42
N ASP C 119 10.24 -13.32 38.79
CA ASP C 119 11.56 -12.83 38.46
C ASP C 119 11.90 -13.27 37.04
N TYR C 120 12.64 -12.42 36.31
CA TYR C 120 12.92 -12.65 34.89
C TYR C 120 11.63 -12.82 34.07
N ASP C 121 10.67 -11.92 34.29
CA ASP C 121 9.34 -12.06 33.70
C ASP C 121 9.33 -11.31 32.36
N ILE C 122 9.91 -11.95 31.35
CA ILE C 122 10.06 -11.36 30.01
C ILE C 122 9.90 -12.46 28.97
N ALA C 123 9.36 -12.09 27.81
CA ALA C 123 9.16 -13.05 26.74
C ALA C 123 9.23 -12.36 25.38
N LEU C 124 9.59 -13.14 24.36
CA LEU C 124 9.66 -12.66 22.99
C LEU C 124 8.65 -13.42 22.13
N LEU C 125 7.91 -12.68 21.31
CA LEU C 125 6.87 -13.23 20.45
C LEU C 125 7.22 -12.91 19.01
N GLU C 126 7.23 -13.93 18.15
CA GLU C 126 7.50 -13.72 16.74
C GLU C 126 6.19 -13.64 15.97
N LEU C 127 6.02 -12.54 15.21
CA LEU C 127 4.86 -12.45 14.33
C LEU C 127 5.06 -13.45 13.20
N GLU C 128 4.02 -14.19 12.85
CA GLU C 128 4.16 -15.17 11.79
C GLU C 128 4.19 -14.51 10.40
N LYS C 129 3.96 -13.21 10.34
CA LYS C 129 4.01 -12.44 9.10
C LYS C 129 4.39 -11.01 9.44
N PRO C 130 5.41 -10.44 8.79
CA PRO C 130 5.93 -9.13 9.21
C PRO C 130 4.85 -8.06 9.31
N ALA C 131 5.02 -7.17 10.27
CA ALA C 131 4.20 -5.98 10.41
C ALA C 131 4.65 -4.91 9.41
N GLU C 132 3.72 -4.03 9.09
CA GLU C 132 3.98 -2.92 8.18
C GLU C 132 4.01 -1.62 8.97
N TYR C 133 5.15 -0.92 8.93
CA TYR C 133 5.22 0.36 9.60
C TYR C 133 4.22 1.32 8.96
N SER C 134 3.54 2.10 9.79
CA SER C 134 2.50 2.99 9.32
C SER C 134 2.37 4.17 10.27
N SER C 135 1.34 4.98 10.04
CA SER C 135 0.97 6.01 11.00
C SER C 135 0.72 5.41 12.39
N MET C 136 0.13 4.21 12.42
CA MET C 136 -0.36 3.63 13.67
C MET C 136 0.56 2.59 14.28
N VAL C 137 1.52 2.05 13.53
CA VAL C 137 2.35 0.94 13.98
C VAL C 137 3.81 1.31 13.71
N ARG C 138 4.56 1.64 14.77
CA ARG C 138 5.97 1.95 14.70
C ARG C 138 6.65 1.33 15.91
N PRO C 139 7.91 0.92 15.79
CA PRO C 139 8.59 0.22 16.88
C PRO C 139 9.25 1.18 17.88
N ILE C 140 9.49 0.65 19.08
CA ILE C 140 10.11 1.42 20.15
C ILE C 140 11.59 1.08 20.23
N CYS C 141 12.36 1.97 20.85
CA CYS C 141 13.80 1.80 20.98
C CYS C 141 14.14 0.94 22.19
N LEU C 142 15.09 -0.02 22.02
CA LEU C 142 15.56 -0.87 23.12
C LEU C 142 16.79 -0.26 23.79
N PRO C 143 16.79 -0.14 25.12
CA PRO C 143 17.92 0.48 25.82
C PRO C 143 19.10 -0.46 26.00
N ASP C 144 20.30 0.09 25.81
CA ASP C 144 21.54 -0.60 26.12
C ASP C 144 21.57 -1.03 27.59
N ALA C 145 22.34 -2.08 27.88
CA ALA C 145 22.37 -2.62 29.23
C ALA C 145 22.94 -1.63 30.24
N SER C 146 23.67 -0.62 29.78
CA SER C 146 24.20 0.43 30.64
C SER C 146 23.31 1.68 30.65
N HIS C 147 22.17 1.64 29.95
CA HIS C 147 21.27 2.79 29.94
C HIS C 147 20.63 2.97 31.32
N VAL C 148 20.66 4.21 31.81
CA VAL C 148 20.24 4.53 33.16
C VAL C 148 18.90 5.25 33.12
N PHE C 149 17.94 4.75 33.90
CA PHE C 149 16.72 5.49 34.18
C PHE C 149 16.77 5.90 35.64
N PRO C 150 17.19 7.11 35.96
CA PRO C 150 17.49 7.47 37.34
C PRO C 150 16.23 7.69 38.16
N ALA C 151 16.41 7.67 39.47
CA ALA C 151 15.30 7.95 40.38
C ALA C 151 14.69 9.31 40.08
N GLY C 152 13.37 9.37 40.01
CA GLY C 152 12.67 10.59 39.67
C GLY C 152 12.32 10.74 38.20
N LYS C 153 12.80 9.85 37.34
CA LYS C 153 12.51 9.96 35.92
C LYS C 153 11.09 9.50 35.62
N ALA C 154 10.40 10.26 34.76
CA ALA C 154 9.02 9.96 34.43
C ALA C 154 8.94 8.92 33.31
N ILE C 155 8.02 7.97 33.45
CA ILE C 155 7.84 6.90 32.49
C ILE C 155 6.35 6.68 32.27
N TRP C 156 5.95 6.45 31.03
CA TRP C 156 4.55 6.29 30.68
C TRP C 156 4.12 4.83 30.74
N VAL C 157 2.97 4.58 31.37
CA VAL C 157 2.34 3.27 31.42
C VAL C 157 1.06 3.34 30.60
N THR C 158 0.86 2.37 29.70
CA THR C 158 -0.23 2.42 28.74
C THR C 158 -0.86 1.04 28.60
N GLY C 159 -2.17 1.02 28.37
CA GLY C 159 -2.83 -0.26 28.18
C GLY C 159 -4.35 -0.15 28.35
N TRP C 160 -4.96 -1.32 28.47
CA TRP C 160 -6.39 -1.51 28.66
C TRP C 160 -6.67 -2.27 29.96
N GLY C 161 -5.82 -2.06 30.96
CA GLY C 161 -5.84 -2.90 32.13
C GLY C 161 -7.14 -2.81 32.90
N HIS C 162 -7.37 -3.84 33.73
CA HIS C 162 -8.50 -3.78 34.63
C HIS C 162 -8.19 -2.84 35.78
N THR C 163 -9.24 -2.45 36.48
CA THR C 163 -9.06 -1.81 37.76
C THR C 163 -8.50 -2.82 38.75
N GLN C 164 -8.06 -2.35 39.90
CA GLN C 164 -7.93 -3.30 41.00
C GLN C 164 -9.34 -3.84 41.19
N TYR C 165 -9.48 -4.82 42.06
CA TYR C 165 -10.77 -5.42 42.27
C TYR C 165 -11.47 -5.69 40.97
N GLY C 166 -10.77 -5.49 39.87
CA GLY C 166 -11.20 -5.62 38.48
C GLY C 166 -12.43 -6.27 37.90
N GLY C 167 -13.25 -5.51 37.19
CA GLY C 167 -13.03 -4.13 36.92
C GLY C 167 -12.59 -4.04 35.50
N THR C 168 -13.56 -4.18 34.61
CA THR C 168 -13.33 -4.16 33.20
C THR C 168 -12.59 -2.93 32.80
N GLY C 169 -11.67 -3.11 31.87
CA GLY C 169 -10.83 -2.07 31.39
C GLY C 169 -11.53 -1.17 30.45
N ALA C 170 -10.89 -0.07 30.16
CA ALA C 170 -11.44 0.88 29.23
C ALA C 170 -11.31 0.38 27.83
N LEU C 171 -12.16 0.87 26.96
CA LEU C 171 -12.17 0.45 25.59
C LEU C 171 -11.13 1.19 24.82
N ILE C 172 -11.04 2.46 25.10
CA ILE C 172 -10.04 3.34 24.48
C ILE C 172 -8.75 3.26 25.28
N LEU C 173 -7.62 3.18 24.56
CA LEU C 173 -6.32 3.00 25.21
C LEU C 173 -6.03 4.15 26.17
N GLN C 174 -5.45 3.80 27.31
CA GLN C 174 -5.19 4.74 28.39
C GLN C 174 -3.69 4.91 28.63
N LYS C 175 -3.34 6.11 29.10
CA LYS C 175 -1.96 6.47 29.39
C LYS C 175 -1.86 7.04 30.80
N GLY C 176 -0.66 6.94 31.36
CA GLY C 176 -0.39 7.53 32.66
C GLY C 176 1.11 7.55 32.88
N GLU C 177 1.51 8.30 33.91
CA GLU C 177 2.92 8.46 34.22
C GLU C 177 3.21 7.87 35.60
N ILE C 178 4.38 7.26 35.73
CA ILE C 178 4.97 6.91 37.01
C ILE C 178 6.35 7.55 37.05
N ARG C 179 7.02 7.46 38.17
CA ARG C 179 8.36 7.97 38.30
C ARG C 179 9.17 6.85 38.92
N VAL C 180 10.45 6.82 38.61
CA VAL C 180 11.34 5.83 39.14
C VAL C 180 11.69 6.22 40.56
N ILE C 181 11.68 5.29 41.47
CA ILE C 181 12.03 5.54 42.85
C ILE C 181 13.08 4.54 43.32
N GLN C 182 13.50 4.70 44.57
CA GLN C 182 14.60 3.93 45.12
C GLN C 182 14.21 2.47 45.34
N GLN C 183 15.12 1.57 44.99
CA GLN C 183 14.90 0.13 45.16
C GLN C 183 14.62 -0.23 46.61
N THR C 184 15.25 0.49 47.56
CA THR C 184 15.03 0.22 48.97
C THR C 184 13.58 0.46 49.38
N THR C 185 12.90 1.40 48.72
CA THR C 185 11.52 1.71 49.09
C THR C 185 10.61 0.51 48.90
N CYS C 186 10.69 -0.16 47.73
CA CYS C 186 9.87 -1.35 47.53
C CYS C 186 10.33 -2.51 48.40
N GLU C 187 11.64 -2.59 48.69
CA GLU C 187 12.13 -3.68 49.53
C GLU C 187 11.51 -3.64 50.93
N ASN C 188 11.44 -2.46 51.54
CA ASN C 188 10.98 -2.32 52.91
C ASN C 188 9.46 -2.15 53.04
N LEU C 189 8.74 -1.88 51.93
CA LEU C 189 7.31 -1.62 52.04
C LEU C 189 6.42 -2.70 51.44
N LEU C 190 6.94 -3.56 50.56
CA LEU C 190 6.04 -4.58 50.03
C LEU C 190 6.44 -5.97 50.52
N PRO C 191 5.46 -6.86 50.75
CA PRO C 191 5.77 -8.21 51.22
C PRO C 191 6.41 -9.04 50.11
N GLN C 192 5.82 -8.91 48.92
CA GLN C 192 6.38 -9.37 47.65
C GLN C 192 7.89 -9.23 47.62
N GLN C 193 8.59 -10.28 47.14
CA GLN C 193 10.04 -10.28 47.16
C GLN C 193 10.56 -9.47 45.97
N ILE C 194 11.56 -8.64 46.22
CA ILE C 194 12.05 -7.68 45.22
C ILE C 194 13.47 -8.05 44.80
N THR C 195 13.62 -8.34 43.50
CA THR C 195 14.86 -8.82 42.89
C THR C 195 15.49 -7.74 42.01
N PRO C 196 16.77 -7.86 41.68
CA PRO C 196 17.41 -6.86 40.81
C PRO C 196 16.85 -6.75 39.40
N ARG C 197 16.04 -7.68 38.93
CA ARG C 197 15.44 -7.57 37.61
C ARG C 197 14.29 -6.61 37.60
N MET C 198 13.91 -6.14 38.77
CA MET C 198 12.77 -5.26 38.98
C MET C 198 13.05 -3.84 39.41
N MET C 199 12.33 -2.86 38.88
CA MET C 199 12.50 -1.46 39.24
C MET C 199 11.32 -1.01 40.09
N CYS C 200 11.61 -0.13 41.05
CA CYS C 200 10.61 0.40 41.96
C CYS C 200 10.12 1.75 41.43
N VAL C 201 8.80 1.95 41.44
CA VAL C 201 8.20 3.17 40.90
C VAL C 201 7.11 3.68 41.83
N GLY C 202 6.77 4.96 41.64
CA GLY C 202 5.67 5.57 42.34
C GLY C 202 4.75 6.25 41.36
N PHE C 203 3.51 6.48 41.80
CA PHE C 203 2.53 7.14 40.93
C PHE C 203 2.97 8.55 40.63
N LEU C 204 2.74 9.00 39.39
CA LEU C 204 3.03 10.37 39.00
C LEU C 204 1.79 11.10 38.48
N SER C 205 1.21 10.64 37.41
CA SER C 205 0.01 11.25 36.88
C SER C 205 -0.91 10.23 36.26
N GLY C 206 -2.17 10.60 36.04
CA GLY C 206 -3.09 9.66 35.46
C GLY C 206 -4.40 9.73 36.17
N GLY C 207 -4.93 8.58 36.48
CA GLY C 207 -6.15 8.49 37.23
C GLY C 207 -5.84 8.28 38.71
N VAL C 208 -6.16 7.13 39.24
CA VAL C 208 -5.92 6.85 40.64
C VAL C 208 -4.93 5.78 40.92
N ASP C 209 -4.34 5.23 39.88
CA ASP C 209 -3.30 4.23 39.98
C ASP C 209 -2.76 3.95 38.61
N SER C 210 -1.68 3.18 38.53
CA SER C 210 -1.08 2.86 37.25
C SER C 210 -1.56 1.51 36.70
N CYS C 211 -2.77 1.09 37.06
CA CYS C 211 -3.28 -0.21 36.66
C CYS C 211 -3.84 -0.22 35.24
N GLN C 212 -3.69 0.87 34.47
CA GLN C 212 -4.10 0.82 33.07
C GLN C 212 -3.17 -0.04 32.24
N GLY C 213 -1.94 -0.24 32.69
CA GLY C 213 -1.01 -1.09 31.98
C GLY C 213 -1.40 -2.56 32.07
N ASP C 214 -1.29 -3.24 30.93
N ASP C 214 -1.26 -3.24 30.94
CA ASP C 214 -1.57 -4.66 30.84
CA ASP C 214 -1.55 -4.66 30.81
C ASP C 214 -0.29 -5.46 31.00
C ASP C 214 -0.28 -5.46 31.00
N ALA C 215 -0.39 -6.61 31.66
CA ALA C 215 0.75 -7.50 31.87
C ALA C 215 1.49 -7.73 30.56
N GLY C 216 2.81 -7.53 30.60
CA GLY C 216 3.62 -7.62 29.40
C GLY C 216 3.67 -6.35 28.56
N GLY C 217 2.87 -5.34 28.89
CA GLY C 217 2.88 -4.09 28.16
C GLY C 217 4.13 -3.27 28.41
N PRO C 218 4.40 -2.30 27.55
CA PRO C 218 5.64 -1.52 27.63
C PRO C 218 5.55 -0.31 28.53
N LEU C 219 6.68 0.00 29.17
CA LEU C 219 6.90 1.28 29.83
C LEU C 219 7.69 2.19 28.88
N SER C 220 7.08 3.29 28.46
CA SER C 220 7.67 4.20 27.49
C SER C 220 8.28 5.40 28.20
N SER C 221 9.52 5.75 27.79
CA SER C 221 10.27 6.84 28.43
C SER C 221 10.83 7.76 27.38
N VAL C 222 10.50 9.05 27.45
CA VAL C 222 11.04 10.05 26.55
C VAL C 222 12.46 10.38 27.01
N GLU C 223 13.43 10.20 26.13
CA GLU C 223 14.82 10.44 26.48
C GLU C 223 15.24 11.83 26.03
N ALA C 224 16.50 12.18 26.30
CA ALA C 224 16.97 13.54 26.08
C ALA C 224 16.95 13.91 24.59
N ASP C 225 17.46 13.02 23.73
CA ASP C 225 17.33 13.22 22.28
C ASP C 225 15.89 13.53 21.87
N GLY C 226 14.92 12.83 22.47
CA GLY C 226 13.53 12.89 22.05
C GLY C 226 12.96 11.57 21.58
N ARG C 227 13.81 10.59 21.32
CA ARG C 227 13.39 9.23 21.04
C ARG C 227 12.74 8.60 22.27
N ILE C 228 11.77 7.70 22.03
CA ILE C 228 11.12 6.96 23.11
C ILE C 228 11.83 5.63 23.28
N PHE C 229 12.36 5.38 24.47
CA PHE C 229 12.91 4.07 24.82
C PHE C 229 11.95 3.32 25.74
N GLN C 230 12.02 2.00 25.68
CA GLN C 230 11.24 1.15 26.58
C GLN C 230 12.07 0.90 27.83
N ALA C 231 11.65 1.49 28.94
CA ALA C 231 12.39 1.32 30.19
C ALA C 231 12.11 -0.03 30.86
N GLY C 232 10.94 -0.59 30.63
CA GLY C 232 10.61 -1.83 31.30
C GLY C 232 9.37 -2.48 30.74
N VAL C 233 8.93 -3.52 31.46
CA VAL C 233 7.77 -4.33 31.09
C VAL C 233 6.87 -4.46 32.31
N VAL C 234 5.56 -4.43 32.10
CA VAL C 234 4.63 -4.59 33.17
C VAL C 234 4.60 -6.03 33.58
N SER C 235 4.69 -6.30 34.86
CA SER C 235 4.67 -7.66 35.35
C SER C 235 3.62 -8.47 36.08
N TRP C 236 2.93 -7.91 37.05
CA TRP C 236 1.93 -8.65 37.77
C TRP C 236 0.98 -7.49 37.49
N GLY C 237 -0.20 -7.83 37.01
CA GLY C 237 -1.21 -6.88 36.61
C GLY C 237 -1.73 -5.95 37.65
N ASP C 238 -1.76 -6.41 38.89
CA ASP C 238 -2.24 -5.61 40.00
C ASP C 238 -1.11 -5.25 40.97
N GLY C 239 0.11 -5.18 40.45
CA GLY C 239 1.22 -4.63 41.20
C GLY C 239 1.42 -3.16 40.88
N CYS C 240 0.32 -2.46 40.63
CA CYS C 240 0.38 -1.10 40.13
C CYS C 240 0.57 -0.12 41.29
N ALA C 241 1.09 1.06 40.95
CA ALA C 241 1.42 2.08 41.93
C ALA C 241 0.17 2.85 42.36
N GLN C 242 0.21 3.38 43.57
CA GLN C 242 -0.93 4.12 44.12
C GLN C 242 -0.42 5.09 45.17
N ARG C 243 -1.31 5.81 45.81
CA ARG C 243 -0.94 6.80 46.81
C ARG C 243 -0.18 6.23 47.98
N ASN C 244 -0.69 5.12 48.48
CA ASN C 244 -0.20 4.34 49.56
C ASN C 244 1.06 3.59 49.39
N LYS C 245 1.19 3.05 48.22
CA LYS C 245 2.24 2.15 47.95
C LYS C 245 2.94 2.31 46.67
N PRO C 246 4.15 1.81 46.63
CA PRO C 246 4.86 1.83 45.35
C PRO C 246 4.54 0.60 44.49
N GLY C 247 5.00 0.59 43.25
CA GLY C 247 4.75 -0.50 42.33
C GLY C 247 6.00 -1.09 41.77
N VAL C 248 5.96 -2.33 41.31
CA VAL C 248 7.12 -2.99 40.76
C VAL C 248 6.87 -3.30 39.30
N TYR C 249 7.88 -3.04 38.46
CA TYR C 249 7.85 -3.37 37.05
C TYR C 249 9.19 -4.01 36.71
N THR C 250 9.21 -4.73 35.60
CA THR C 250 10.40 -5.47 35.20
C THR C 250 11.33 -4.55 34.41
N ARG C 251 12.61 -4.56 34.77
CA ARG C 251 13.56 -3.79 33.98
C ARG C 251 13.81 -4.48 32.65
N LEU C 252 14.29 -3.71 31.69
CA LEU C 252 14.56 -4.20 30.35
C LEU C 252 16.04 -4.17 29.95
N PRO C 253 16.82 -3.13 30.33
CA PRO C 253 18.19 -3.03 29.79
C PRO C 253 19.07 -4.27 30.03
N LEU C 254 18.97 -4.92 31.19
CA LEU C 254 19.81 -6.08 31.43
C LEU C 254 19.45 -7.28 30.54
N PHE C 255 18.46 -7.13 29.71
CA PHE C 255 18.05 -8.18 28.78
C PHE C 255 18.33 -7.86 27.33
N ARG C 256 18.99 -6.75 27.07
CA ARG C 256 19.25 -6.25 25.74
C ARG C 256 20.01 -7.21 24.83
N ASP C 257 21.07 -7.80 25.32
CA ASP C 257 21.81 -8.77 24.56
C ASP C 257 21.06 -10.05 24.37
N TRP C 258 20.33 -10.42 25.39
CA TRP C 258 19.55 -11.65 25.27
C TRP C 258 18.50 -11.51 24.19
N ILE C 259 17.91 -10.33 24.06
CA ILE C 259 16.92 -10.08 23.01
C ILE C 259 17.58 -10.15 21.62
N LYS C 260 18.70 -9.45 21.45
CA LYS C 260 19.35 -9.40 20.13
C LYS C 260 19.80 -10.80 19.70
N GLU C 261 20.43 -11.54 20.61
CA GLU C 261 20.92 -12.88 20.30
C GLU C 261 19.81 -13.79 19.79
N ASN C 262 18.59 -13.58 20.29
CA ASN C 262 17.47 -14.43 19.93
C ASN C 262 16.66 -13.90 18.74
N THR C 263 16.76 -12.61 18.43
CA THR C 263 15.94 -12.01 17.38
C THR C 263 16.71 -11.29 16.28
N GLY C 264 17.97 -10.94 16.50
CA GLY C 264 18.68 -10.04 15.61
C GLY C 264 18.45 -8.57 15.91
N VAL C 265 17.39 -8.24 16.64
CA VAL C 265 17.14 -6.86 17.06
C VAL C 265 18.07 -6.51 18.22
#